data_5DA9
#
_entry.id   5DA9
#
_cell.length_a   116.511
_cell.length_b   125.086
_cell.length_c   168.304
_cell.angle_alpha   90.00
_cell.angle_beta   90.00
_cell.angle_gamma   90.00
#
_symmetry.space_group_name_H-M   'I 2 2 2'
#
loop_
_entity.id
_entity.type
_entity.pdbx_description
1 polymer 'Putative uncharacterized protein,Putative uncharacterized protein'
2 polymer 'Putative double-strand break protein'
3 non-polymer 'MAGNESIUM ION'
4 non-polymer 'PHOSPHOTHIOPHOSPHORIC ACID-ADENYLATE ESTER'
5 water water
#
loop_
_entity_poly.entity_id
_entity_poly.type
_entity_poly.pdbx_seq_one_letter_code
_entity_poly.pdbx_strand_id
1 'polypeptide(L)'
;(MSE)SKIEKLSILGVRSFGPHHPETIAFNTPLTLIVGYNGSGKTTVIECLKYATTGELPPNSTRNGAFIHDPDLVGEKE
VRAQVKLSFRSTIGESYVVTRNIQLLVQRNNKRTQKTLEGSLLLRNNGERTVISTRVAELDKLVSEKLGVPPAILDAVIF
CHQDDSLWP(MSE)SEPAALKKRFDEIFEAQKYTKVIENIRLLKKKKGDELKILKEREVQDKANKERAEKVDGGAGGAGG
ELDLKDAKAKYKETHIKVETTKAAIEDLGRG(MSE)AAVDHAI(MSE)QYHSK(MSE)(MSE)EQINRTIAELWQSTYQG
TDIDTIQIRSDVESTTSSDSGTRRNYNYRVS(MSE)VKGDTE(MSE)D(MSE)RGRCSAGQKVLASIIIRLALAESFCAN
CGLIALDEPTTNLDSDNIRSLAESLHGIIKARQAQGNLQLIVITHDEEFLKY(MSE)QCSDFCDDFYRVKRDEKQNSVIV
RESITRITE
;
A,B
2 'polypeptide(L)'
;SDSISVDALVQEFFAQQSLKILPQAPFGDAVNQFVSKDDKHAVE(MSE)FV(MSE)DSLSSQVRGLLQLDDDKINEGLDS
HIEDFRKV(MSE)EKNFLSGQQKQAQRRRRFKEKHHHHHH
;
C,D
#
# COMPACT_ATOMS: atom_id res chain seq x y z
N SER A 2 21.37 15.64 13.94
CA SER A 2 22.07 16.39 12.90
C SER A 2 22.39 15.51 11.70
N LYS A 3 23.52 14.84 11.73
CA LYS A 3 23.95 13.97 10.63
C LYS A 3 23.98 12.51 11.07
N ILE A 4 23.74 11.59 10.13
CA ILE A 4 24.03 10.17 10.35
C ILE A 4 25.39 9.90 9.73
N GLU A 5 26.26 9.25 10.49
CA GLU A 5 27.63 9.07 10.05
C GLU A 5 27.91 7.72 9.39
N LYS A 6 27.54 6.63 10.07
CA LYS A 6 27.97 5.31 9.62
C LYS A 6 26.99 4.21 10.03
N LEU A 7 26.88 3.19 9.18
CA LEU A 7 26.01 2.06 9.47
C LEU A 7 26.75 0.75 9.27
N SER A 8 26.63 -0.16 10.23
CA SER A 8 27.22 -1.48 10.12
C SER A 8 26.15 -2.56 10.13
N ILE A 9 26.21 -3.44 9.13
CA ILE A 9 25.20 -4.47 8.97
C ILE A 9 25.84 -5.83 9.11
N LEU A 10 25.20 -6.70 9.89
CA LEU A 10 25.67 -8.06 10.07
C LEU A 10 24.48 -9.00 10.06
N GLY A 11 24.53 -10.00 9.19
CA GLY A 11 23.51 -11.04 9.18
C GLY A 11 22.11 -10.58 8.81
N VAL A 12 21.98 -9.39 8.25
CA VAL A 12 20.66 -8.92 7.85
C VAL A 12 20.40 -9.22 6.40
N ARG A 13 19.20 -9.72 6.10
CA ARG A 13 18.77 -9.94 4.72
C ARG A 13 19.81 -10.76 3.95
N SER A 14 20.24 -10.22 2.82
CA SER A 14 21.26 -10.85 1.99
C SER A 14 22.67 -10.72 2.56
N PHE A 15 22.83 -10.02 3.67
CA PHE A 15 24.16 -9.85 4.25
C PHE A 15 24.60 -11.06 5.07
N GLY A 16 25.87 -11.42 4.91
CA GLY A 16 26.44 -12.55 5.62
C GLY A 16 26.43 -12.33 7.11
N PRO A 17 26.46 -13.42 7.88
CA PRO A 17 26.37 -13.36 9.34
C PRO A 17 27.72 -13.40 10.05
N HIS A 18 28.81 -13.39 9.29
CA HIS A 18 30.13 -13.54 9.90
C HIS A 18 30.98 -12.28 9.81
N HIS A 19 30.84 -11.56 8.70
CA HIS A 19 31.54 -10.30 8.52
C HIS A 19 30.59 -9.12 8.29
N PRO A 20 30.76 -8.05 9.06
CA PRO A 20 29.89 -6.89 8.89
C PRO A 20 30.23 -6.10 7.62
N GLU A 21 29.25 -5.38 7.09
CA GLU A 21 29.48 -4.49 5.97
C GLU A 21 29.14 -3.09 6.45
N THR A 22 30.04 -2.14 6.23
CA THR A 22 29.87 -0.80 6.77
C THR A 22 29.74 0.25 5.67
N ILE A 23 28.81 1.18 5.88
CA ILE A 23 28.63 2.31 4.98
C ILE A 23 28.86 3.63 5.67
N ALA A 24 29.66 4.50 5.06
CA ALA A 24 29.87 5.83 5.63
C ALA A 24 29.02 6.81 4.84
N PHE A 25 28.09 7.48 5.53
CA PHE A 25 27.16 8.36 4.84
C PHE A 25 27.76 9.73 4.63
N ASN A 26 27.97 10.05 3.36
CA ASN A 26 28.57 11.32 2.96
C ASN A 26 27.59 12.48 3.05
N THR A 27 28.15 13.69 2.98
CA THR A 27 27.39 14.94 2.97
C THR A 27 27.73 15.75 1.72
N PRO A 28 26.71 16.24 1.00
CA PRO A 28 25.27 16.14 1.25
C PRO A 28 24.53 15.12 0.38
N LEU A 29 25.27 14.32 -0.39
CA LEU A 29 24.64 13.34 -1.27
C LEU A 29 25.32 12.00 -1.14
N THR A 30 24.54 10.97 -0.86
CA THR A 30 25.05 9.60 -0.90
C THR A 30 24.33 8.82 -2.00
N LEU A 31 25.11 8.25 -2.91
CA LEU A 31 24.54 7.45 -3.98
C LEU A 31 24.85 5.98 -3.78
N ILE A 32 23.81 5.16 -3.85
CA ILE A 32 23.96 3.72 -3.76
C ILE A 32 23.43 3.05 -5.03
N VAL A 33 24.31 2.32 -5.71
CA VAL A 33 23.96 1.70 -6.98
C VAL A 33 24.20 0.20 -6.91
N GLY A 34 23.31 -0.54 -7.58
CA GLY A 34 23.42 -1.99 -7.64
C GLY A 34 22.43 -2.59 -8.61
N TYR A 35 22.65 -3.85 -8.95
CA TYR A 35 21.73 -4.61 -9.79
C TYR A 35 20.54 -5.03 -8.93
N ASN A 36 19.48 -5.51 -9.57
CA ASN A 36 18.28 -5.97 -8.86
C ASN A 36 18.60 -7.01 -7.78
N GLY A 37 18.15 -6.74 -6.56
CA GLY A 37 18.32 -7.67 -5.44
C GLY A 37 19.69 -7.63 -4.79
N SER A 38 20.49 -6.65 -5.17
CA SER A 38 21.84 -6.50 -4.65
C SER A 38 21.88 -6.35 -3.14
N GLY A 39 20.90 -5.64 -2.58
CA GLY A 39 20.86 -5.44 -1.15
C GLY A 39 20.83 -3.96 -0.80
N LYS A 40 20.45 -3.14 -1.77
CA LYS A 40 20.41 -1.69 -1.60
C LYS A 40 19.34 -1.22 -0.60
N THR A 41 18.08 -1.56 -0.88
CA THR A 41 16.94 -1.21 -0.03
C THR A 41 17.15 -1.70 1.41
N THR A 42 17.82 -2.85 1.55
CA THR A 42 18.13 -3.43 2.84
C THR A 42 18.84 -2.43 3.74
N VAL A 43 19.71 -1.63 3.12
CA VAL A 43 20.44 -0.61 3.84
C VAL A 43 19.47 0.37 4.46
N ILE A 44 18.47 0.79 3.70
CA ILE A 44 17.48 1.72 4.21
C ILE A 44 16.66 1.06 5.33
N GLU A 45 16.33 -0.22 5.16
CA GLU A 45 15.60 -0.96 6.20
C GLU A 45 16.35 -0.98 7.52
N CYS A 46 17.66 -1.19 7.46
CA CYS A 46 18.50 -1.18 8.64
C CYS A 46 18.52 0.20 9.29
N LEU A 47 18.51 1.25 8.48
CA LEU A 47 18.45 2.61 9.00
C LEU A 47 17.14 2.85 9.74
N LYS A 48 16.03 2.34 9.21
CA LYS A 48 14.75 2.50 9.92
C LYS A 48 14.74 1.65 11.19
N TYR A 49 15.31 0.46 11.14
CA TYR A 49 15.31 -0.41 12.31
C TYR A 49 16.14 0.25 13.40
N ALA A 50 17.31 0.77 13.03
CA ALA A 50 18.20 1.39 14.00
C ALA A 50 17.55 2.56 14.74
N THR A 51 16.86 3.43 14.02
CA THR A 51 16.24 4.62 14.61
C THR A 51 14.84 4.40 15.21
N THR A 52 14.07 3.48 14.65
CA THR A 52 12.68 3.31 15.05
C THR A 52 12.45 2.00 15.81
N GLY A 53 13.31 1.03 15.57
CA GLY A 53 13.12 -0.31 16.09
C GLY A 53 11.99 -1.04 15.38
N GLU A 54 11.68 -0.58 14.17
CA GLU A 54 10.63 -1.20 13.37
C GLU A 54 11.21 -1.92 12.18
N LEU A 55 10.74 -3.16 12.00
CA LEU A 55 11.15 -4.02 10.91
C LEU A 55 10.30 -3.71 9.68
N PRO A 56 10.79 -4.08 8.49
CA PRO A 56 10.03 -3.83 7.26
C PRO A 56 8.66 -4.51 7.26
N PRO A 57 7.70 -3.96 6.50
CA PRO A 57 6.38 -4.59 6.41
C PRO A 57 6.49 -5.99 5.80
N ASN A 58 5.74 -6.95 6.34
CA ASN A 58 5.66 -8.30 5.79
C ASN A 58 6.91 -9.13 6.14
N SER A 59 7.79 -8.57 6.96
CA SER A 59 9.00 -9.27 7.37
C SER A 59 8.94 -9.52 8.87
N THR A 60 7.71 -9.45 9.38
CA THR A 60 7.43 -9.64 10.79
C THR A 60 7.54 -11.10 11.25
N ARG A 61 7.25 -12.04 10.36
CA ARG A 61 7.23 -13.46 10.72
C ARG A 61 8.19 -14.32 9.90
N ASN A 62 8.58 -15.46 10.46
CA ASN A 62 9.53 -16.41 9.87
C ASN A 62 10.92 -15.83 9.74
N GLY A 63 11.16 -14.72 10.44
CA GLY A 63 12.46 -14.08 10.39
C GLY A 63 12.84 -13.72 8.98
N ALA A 64 11.90 -13.15 8.24
CA ALA A 64 12.15 -12.78 6.85
C ALA A 64 13.25 -11.73 6.75
N PHE A 65 13.27 -10.80 7.71
CA PHE A 65 14.28 -9.75 7.73
C PHE A 65 15.68 -10.29 7.91
N ILE A 66 15.80 -11.34 8.71
CA ILE A 66 17.10 -11.86 9.12
C ILE A 66 17.61 -12.91 8.12
N HIS A 67 18.93 -12.91 7.91
CA HIS A 67 19.59 -13.87 7.03
C HIS A 67 19.20 -15.28 7.38
N ASP A 68 18.77 -16.05 6.38
CA ASP A 68 18.17 -17.35 6.64
C ASP A 68 19.17 -18.24 7.35
N PRO A 69 18.73 -18.91 8.42
CA PRO A 69 19.67 -19.76 9.15
C PRO A 69 20.19 -20.88 8.26
N ASP A 70 19.28 -21.39 7.43
CA ASP A 70 19.53 -22.58 6.65
C ASP A 70 20.70 -22.39 5.67
N LEU A 71 20.87 -21.18 5.15
CA LEU A 71 21.89 -20.88 4.15
C LEU A 71 23.35 -21.03 4.57
N VAL A 72 23.64 -20.89 5.86
CA VAL A 72 25.04 -20.82 6.30
C VAL A 72 25.55 -22.04 7.05
N GLY A 73 24.71 -23.06 7.22
CA GLY A 73 25.10 -24.27 7.93
C GLY A 73 25.20 -24.13 9.45
N GLU A 74 24.54 -23.10 9.98
CA GLU A 74 24.32 -22.94 11.40
C GLU A 74 22.84 -23.19 11.70
N LYS A 75 22.51 -23.27 12.99
CA LYS A 75 21.13 -23.44 13.40
C LYS A 75 20.57 -22.10 13.87
N GLU A 76 21.47 -21.19 14.22
CA GLU A 76 21.06 -19.88 14.68
C GLU A 76 21.87 -18.84 13.91
N VAL A 77 21.22 -17.73 13.59
CA VAL A 77 21.93 -16.61 13.04
C VAL A 77 21.64 -15.39 13.92
N ARG A 78 22.63 -14.52 14.08
CA ARG A 78 22.42 -13.27 14.80
C ARG A 78 22.70 -12.07 13.92
N ALA A 79 21.83 -11.06 14.01
CA ALA A 79 22.01 -9.85 13.24
C ALA A 79 22.30 -8.70 14.17
N GLN A 80 23.30 -7.89 13.82
CA GLN A 80 23.61 -6.70 14.58
C GLN A 80 23.62 -5.49 13.66
N VAL A 81 22.95 -4.42 14.07
CA VAL A 81 22.94 -3.18 13.33
C VAL A 81 23.47 -2.04 14.21
N LYS A 82 24.62 -1.47 13.82
CA LYS A 82 25.18 -0.32 14.51
C LYS A 82 24.96 0.92 13.68
N LEU A 83 24.39 1.94 14.30
CA LEU A 83 24.29 3.24 13.64
C LEU A 83 24.99 4.31 14.45
N SER A 84 26.02 4.92 13.87
CA SER A 84 26.69 6.01 14.54
C SER A 84 26.16 7.33 13.99
N PHE A 85 25.55 8.13 14.85
CA PHE A 85 24.95 9.38 14.45
C PHE A 85 25.32 10.41 15.49
N ARG A 86 25.14 11.68 15.19
CA ARG A 86 25.36 12.69 16.21
C ARG A 86 24.19 13.64 16.29
N SER A 87 23.91 14.10 17.50
CA SER A 87 22.78 14.94 17.81
C SER A 87 22.88 16.35 17.23
N THR A 88 21.82 17.11 17.45
CA THR A 88 21.76 18.50 17.04
C THR A 88 22.88 19.28 17.70
N ILE A 89 23.10 19.00 18.98
CA ILE A 89 24.15 19.65 19.75
C ILE A 89 25.53 19.25 19.19
N GLY A 90 25.57 18.09 18.55
CA GLY A 90 26.76 17.61 17.87
C GLY A 90 27.67 16.61 18.56
N GLU A 91 27.28 16.07 19.71
CA GLU A 91 27.96 14.91 20.26
C GLU A 91 27.47 13.63 19.59
N SER A 92 28.36 12.66 19.44
CA SER A 92 28.07 11.42 18.72
C SER A 92 27.58 10.25 19.57
N TYR A 93 26.51 9.59 19.11
CA TYR A 93 25.91 8.47 19.80
C TYR A 93 26.05 7.24 18.93
N VAL A 94 25.97 6.05 19.53
CA VAL A 94 25.87 4.81 18.78
C VAL A 94 24.71 4.01 19.29
N VAL A 95 23.89 3.51 18.38
CA VAL A 95 22.83 2.59 18.78
C VAL A 95 23.07 1.24 18.14
N THR A 96 23.04 0.21 18.96
CA THR A 96 23.26 -1.15 18.50
C THR A 96 21.99 -1.92 18.73
N ARG A 97 21.59 -2.70 17.74
CA ARG A 97 20.44 -3.58 17.88
C ARG A 97 20.79 -5.00 17.46
N ASN A 98 20.50 -5.96 18.33
CA ASN A 98 20.76 -7.35 17.99
C ASN A 98 19.49 -8.18 17.99
N ILE A 99 19.28 -8.94 16.92
CA ILE A 99 18.18 -9.90 16.86
C ILE A 99 18.70 -11.28 16.45
N GLN A 100 18.22 -12.31 17.13
CA GLN A 100 18.61 -13.67 16.82
C GLN A 100 17.45 -14.43 16.19
N LEU A 101 17.77 -15.22 15.17
CA LEU A 101 16.80 -16.14 14.61
C LEU A 101 17.19 -17.59 14.88
N LEU A 102 16.28 -18.32 15.49
CA LEU A 102 16.50 -19.72 15.86
C LEU A 102 15.61 -20.62 15.04
N VAL A 103 16.17 -21.73 14.60
CA VAL A 103 15.43 -22.73 13.85
C VAL A 103 14.94 -23.75 14.87
N GLN A 104 13.69 -24.15 14.74
CA GLN A 104 13.18 -25.14 15.67
C GLN A 104 13.36 -26.50 15.03
N ARG A 105 13.32 -27.55 15.86
CA ARG A 105 13.31 -28.92 15.35
C ARG A 105 11.92 -29.19 14.76
N ASN A 106 11.38 -28.16 14.11
CA ASN A 106 10.02 -28.10 13.63
C ASN A 106 10.01 -27.37 12.30
N ASN A 107 8.83 -27.20 11.71
CA ASN A 107 8.71 -26.45 10.48
C ASN A 107 8.86 -24.96 10.74
N LYS A 108 8.33 -24.56 11.89
CA LYS A 108 8.36 -23.17 12.32
C LYS A 108 9.72 -22.67 12.75
N ARG A 109 9.90 -21.36 12.61
CA ARG A 109 11.09 -20.67 13.10
C ARG A 109 10.62 -19.57 14.04
N THR A 110 11.36 -19.37 15.12
CA THR A 110 11.02 -18.33 16.07
C THR A 110 12.07 -17.21 16.10
N GLN A 111 11.58 -15.99 16.12
CA GLN A 111 12.38 -14.78 16.12
C GLN A 111 12.35 -14.04 17.45
N LYS A 112 13.50 -13.61 17.94
CA LYS A 112 13.53 -12.88 19.21
C LYS A 112 14.53 -11.72 19.17
N THR A 113 14.15 -10.61 19.80
CA THR A 113 15.00 -9.43 19.92
C THR A 113 15.93 -9.48 21.14
N LEU A 114 17.24 -9.46 20.88
CA LEU A 114 18.21 -9.44 21.96
C LEU A 114 18.43 -8.03 22.53
N GLU A 115 19.51 -7.89 23.31
CA GLU A 115 19.80 -6.62 23.97
C GLU A 115 20.26 -5.56 22.98
N GLY A 116 19.89 -4.31 23.25
CA GLY A 116 20.31 -3.16 22.48
C GLY A 116 20.89 -2.13 23.42
N SER A 117 21.97 -1.48 23.02
CA SER A 117 22.55 -0.43 23.83
C SER A 117 22.74 0.85 23.03
N LEU A 118 22.45 1.98 23.67
CA LEU A 118 22.77 3.28 23.11
C LEU A 118 23.84 3.92 23.94
N LEU A 119 25.01 4.09 23.35
CA LEU A 119 26.13 4.64 24.10
C LEU A 119 26.54 5.98 23.52
N LEU A 120 27.23 6.76 24.35
CA LEU A 120 27.68 8.09 23.99
C LEU A 120 29.19 8.18 23.95
N ARG A 121 29.72 8.69 22.84
CA ARG A 121 31.18 8.88 22.74
C ARG A 121 31.57 10.33 22.93
N ASN A 122 32.27 10.60 24.02
CA ASN A 122 32.76 11.92 24.35
C ASN A 122 34.13 11.71 24.96
N ASN A 123 35.01 12.70 24.81
CA ASN A 123 36.40 12.57 25.28
C ASN A 123 37.04 11.33 24.65
N GLY A 124 37.58 10.43 25.47
CA GLY A 124 38.11 9.18 24.95
C GLY A 124 37.25 7.97 25.23
N GLU A 125 36.18 8.16 25.99
CA GLU A 125 35.36 7.05 26.48
C GLU A 125 33.96 6.90 25.90
N ARG A 126 33.40 5.72 26.06
CA ARG A 126 32.03 5.46 25.71
C ARG A 126 31.25 5.24 27.01
N THR A 127 30.09 5.89 27.12
CA THR A 127 29.23 5.72 28.29
C THR A 127 27.84 5.24 27.84
N VAL A 128 27.26 4.27 28.55
CA VAL A 128 25.94 3.80 28.17
C VAL A 128 24.84 4.76 28.62
N ILE A 129 24.05 5.21 27.66
CA ILE A 129 22.92 6.08 27.93
C ILE A 129 21.72 5.22 28.28
N SER A 130 21.56 4.10 27.57
CA SER A 130 20.49 3.15 27.86
C SER A 130 20.83 1.75 27.34
N THR A 131 20.34 0.75 28.05
CA THR A 131 20.43 -0.63 27.61
C THR A 131 19.05 -1.19 27.37
N ARG A 132 18.03 -0.39 27.66
CA ARG A 132 16.65 -0.83 27.50
C ARG A 132 16.08 -0.36 26.15
N VAL A 133 15.46 -1.29 25.43
CA VAL A 133 15.00 -1.05 24.06
C VAL A 133 13.94 0.04 23.92
N ALA A 134 12.91 -0.02 24.74
CA ALA A 134 11.81 0.94 24.63
C ALA A 134 12.35 2.35 24.82
N GLU A 135 13.31 2.48 25.72
CA GLU A 135 14.00 3.74 25.96
C GLU A 135 14.74 4.16 24.68
N LEU A 136 15.31 3.19 23.95
CA LEU A 136 16.10 3.50 22.74
C LEU A 136 15.34 4.24 21.65
N ASP A 137 14.14 3.78 21.31
CA ASP A 137 13.35 4.36 20.23
C ASP A 137 13.08 5.86 20.48
N LYS A 138 12.63 6.17 21.69
CA LYS A 138 12.36 7.54 22.09
C LYS A 138 13.64 8.38 22.09
N LEU A 139 14.73 7.79 22.59
CA LEU A 139 16.00 8.52 22.71
C LEU A 139 16.58 8.88 21.34
N VAL A 140 16.56 7.93 20.40
CA VAL A 140 17.09 8.20 19.07
C VAL A 140 16.32 9.31 18.37
N SER A 141 15.00 9.30 18.48
CA SER A 141 14.19 10.36 17.90
C SER A 141 14.49 11.71 18.54
N GLU A 142 14.58 11.77 19.87
CA GLU A 142 14.86 13.02 20.56
C GLU A 142 16.26 13.56 20.23
N LYS A 143 17.26 12.68 20.21
CA LYS A 143 18.63 13.11 19.93
C LYS A 143 18.80 13.60 18.50
N LEU A 144 18.07 12.99 17.56
CA LEU A 144 18.12 13.40 16.16
C LEU A 144 17.30 14.66 15.90
N GLY A 145 16.30 14.91 16.73
CA GLY A 145 15.44 16.07 16.57
C GLY A 145 14.30 15.80 15.60
N VAL A 146 14.11 14.53 15.27
CA VAL A 146 13.07 14.12 14.35
C VAL A 146 12.04 13.24 15.04
N PRO A 147 10.75 13.53 14.84
CA PRO A 147 9.69 12.71 15.44
C PRO A 147 9.76 11.27 14.95
N PRO A 148 9.39 10.31 15.80
CA PRO A 148 9.48 8.89 15.44
C PRO A 148 8.59 8.49 14.27
N ALA A 149 7.36 9.00 14.26
CA ALA A 149 6.39 8.68 13.23
C ALA A 149 6.84 9.19 11.86
N ILE A 150 7.30 10.42 11.81
CA ILE A 150 7.73 11.03 10.56
C ILE A 150 9.03 10.40 10.06
N LEU A 151 9.83 9.93 11.00
CA LEU A 151 11.06 9.21 10.68
C LEU A 151 10.69 7.94 9.96
N ASP A 152 9.66 7.29 10.47
CA ASP A 152 9.09 6.09 9.88
C ASP A 152 8.40 6.38 8.55
N ALA A 153 7.57 7.42 8.53
CA ALA A 153 6.72 7.74 7.39
C ALA A 153 7.45 8.32 6.16
N VAL A 154 8.38 9.25 6.37
CA VAL A 154 8.90 10.02 5.25
C VAL A 154 10.43 9.87 5.07
N ILE A 155 11.22 10.02 6.14
CA ILE A 155 12.67 9.89 5.99
C ILE A 155 13.12 8.51 5.51
N PHE A 156 12.69 7.45 6.18
CA PHE A 156 13.04 6.11 5.71
C PHE A 156 11.80 5.36 5.29
N CYS A 157 11.17 5.84 4.23
CA CYS A 157 9.94 5.24 3.76
C CYS A 157 10.31 4.04 2.92
N HIS A 158 9.65 2.91 3.19
CA HIS A 158 9.98 1.67 2.54
C HIS A 158 9.51 1.67 1.10
N GLN A 159 10.37 1.14 0.21
CA GLN A 159 10.09 1.02 -1.21
C GLN A 159 8.70 0.44 -1.46
N ASP A 160 8.32 -0.55 -0.64
CA ASP A 160 7.01 -1.19 -0.75
C ASP A 160 5.87 -0.26 -0.35
N ASP A 161 6.16 0.70 0.53
CA ASP A 161 5.14 1.60 1.07
C ASP A 161 5.29 3.03 0.53
N SER A 162 6.20 3.21 -0.41
CA SER A 162 6.60 4.53 -0.89
C SER A 162 5.46 5.34 -1.52
N LEU A 163 4.38 4.67 -1.92
CA LEU A 163 3.23 5.34 -2.52
C LEU A 163 2.08 5.65 -1.57
N TRP A 164 2.31 5.56 -0.27
CA TRP A 164 1.22 5.74 0.69
C TRP A 164 0.37 7.02 0.57
N PRO A 165 0.95 8.17 0.18
CA PRO A 165 0.07 9.35 0.03
C PRO A 165 -1.06 9.19 -1.01
N SER A 167 -2.89 6.38 -1.14
CA SER A 167 -3.75 5.35 -0.58
C SER A 167 -5.19 5.83 -0.42
N GLU A 168 -6.06 4.87 -0.09
CA GLU A 168 -7.47 5.15 0.14
C GLU A 168 -7.60 6.18 1.25
N PRO A 169 -8.73 6.92 1.27
CA PRO A 169 -8.91 8.01 2.23
C PRO A 169 -8.70 7.59 3.70
N ALA A 170 -9.10 6.37 4.05
CA ALA A 170 -8.98 5.89 5.42
C ALA A 170 -7.52 5.79 5.86
N ALA A 171 -6.71 5.12 5.03
CA ALA A 171 -5.30 4.90 5.34
C ALA A 171 -4.55 6.22 5.37
N LEU A 172 -4.92 7.12 4.46
CA LEU A 172 -4.31 8.43 4.40
C LEU A 172 -4.56 9.19 5.69
N LYS A 173 -5.76 9.06 6.22
CA LYS A 173 -6.13 9.75 7.46
C LYS A 173 -5.30 9.23 8.64
N LYS A 174 -5.11 7.91 8.73
CA LYS A 174 -4.34 7.34 9.83
C LYS A 174 -2.89 7.80 9.80
N ARG A 175 -2.30 7.87 8.62
CA ARG A 175 -0.89 8.28 8.50
C ARG A 175 -0.71 9.73 8.93
N PHE A 176 -1.64 10.59 8.55
CA PHE A 176 -1.58 12.00 8.94
C PHE A 176 -1.83 12.21 10.43
N ASP A 177 -2.74 11.43 11.00
CA ASP A 177 -3.04 11.50 12.41
C ASP A 177 -1.81 11.10 13.24
N GLU A 178 -1.08 10.12 12.74
CA GLU A 178 0.15 9.68 13.38
C GLU A 178 1.20 10.79 13.36
N ILE A 179 1.39 11.37 12.19
CA ILE A 179 2.38 12.44 11.99
C ILE A 179 2.10 13.64 12.88
N PHE A 180 0.82 13.96 13.04
CA PHE A 180 0.42 15.17 13.75
C PHE A 180 0.18 14.99 15.25
N GLU A 181 0.25 13.75 15.74
CA GLU A 181 0.05 13.47 17.15
C GLU A 181 -1.34 13.93 17.61
N ALA A 182 -2.32 13.84 16.72
CA ALA A 182 -3.65 14.37 16.96
C ALA A 182 -4.32 13.67 18.15
N GLN A 183 -4.18 12.36 18.20
CA GLN A 183 -4.79 11.54 19.24
C GLN A 183 -4.25 11.82 20.64
N LYS A 184 -2.94 12.03 20.76
CA LYS A 184 -2.33 12.28 22.07
C LYS A 184 -2.87 13.60 22.62
N TYR A 185 -3.00 14.57 21.74
CA TYR A 185 -3.53 15.87 22.08
C TYR A 185 -4.99 15.80 22.54
N THR A 186 -5.79 14.97 21.89
CA THR A 186 -7.18 14.79 22.31
C THR A 186 -7.22 14.21 23.72
N LYS A 187 -6.29 13.30 24.00
CA LYS A 187 -6.19 12.66 25.30
C LYS A 187 -5.86 13.66 26.40
N VAL A 188 -4.92 14.55 26.14
CA VAL A 188 -4.50 15.54 27.13
C VAL A 188 -5.64 16.51 27.42
N ILE A 189 -6.41 16.85 26.39
CA ILE A 189 -7.54 17.76 26.56
C ILE A 189 -8.59 17.15 27.48
N GLU A 190 -8.88 15.86 27.27
CA GLU A 190 -9.84 15.16 28.12
C GLU A 190 -9.35 15.08 29.57
N ASN A 191 -8.03 14.92 29.74
CA ASN A 191 -7.44 14.84 31.07
C ASN A 191 -7.69 16.14 31.84
N ILE A 192 -7.50 17.27 31.16
CA ILE A 192 -7.69 18.58 31.78
C ILE A 192 -9.14 18.77 32.21
N ARG A 193 -10.07 18.30 31.38
CA ARG A 193 -11.49 18.45 31.66
C ARG A 193 -11.92 17.70 32.92
N LEU A 194 -11.41 16.49 33.08
CA LEU A 194 -11.73 15.69 34.28
C LEU A 194 -11.19 16.39 35.52
N LEU A 195 -9.98 16.93 35.41
CA LEU A 195 -9.38 17.67 36.51
C LEU A 195 -10.23 18.89 36.84
N LYS A 196 -10.72 19.57 35.80
CA LYS A 196 -11.58 20.73 36.00
C LYS A 196 -12.89 20.36 36.70
N LYS A 197 -13.52 19.29 36.25
CA LYS A 197 -14.80 18.85 36.82
C LYS A 197 -14.67 18.36 38.26
N LYS A 198 -13.60 17.64 38.57
CA LYS A 198 -13.34 17.24 39.95
C LYS A 198 -13.19 18.44 40.86
N LYS A 199 -12.43 19.44 40.40
CA LYS A 199 -12.20 20.64 41.19
C LYS A 199 -13.49 21.43 41.31
N GLY A 200 -14.31 21.39 40.26
CA GLY A 200 -15.62 22.04 40.27
C GLY A 200 -16.53 21.47 41.34
N ASP A 201 -16.56 20.14 41.44
CA ASP A 201 -17.35 19.48 42.47
C ASP A 201 -16.81 19.79 43.87
N GLU A 202 -15.49 19.70 44.03
CA GLU A 202 -14.86 19.99 45.32
C GLU A 202 -15.12 21.45 45.67
N LEU A 203 -15.14 22.29 44.65
CA LEU A 203 -15.41 23.71 44.82
C LEU A 203 -16.74 23.94 45.53
N LYS A 204 -17.78 23.31 45.03
CA LYS A 204 -19.13 23.43 45.61
C LYS A 204 -19.17 23.04 47.09
N ILE A 205 -18.56 21.90 47.41
CA ILE A 205 -18.57 21.41 48.78
C ILE A 205 -17.85 22.38 49.71
N LEU A 206 -16.69 22.86 49.28
CA LEU A 206 -15.89 23.77 50.09
C LEU A 206 -16.54 25.14 50.19
N LYS A 207 -17.21 25.58 49.14
CA LYS A 207 -17.97 26.84 49.14
C LYS A 207 -19.04 26.85 50.23
N GLU A 208 -19.83 25.79 50.27
CA GLU A 208 -20.91 25.68 51.25
C GLU A 208 -20.35 25.49 52.66
N ARG A 209 -19.23 24.78 52.76
CA ARG A 209 -18.52 24.64 54.01
C ARG A 209 -18.07 26.01 54.49
N GLU A 210 -17.67 26.85 53.54
CA GLU A 210 -17.17 28.17 53.85
C GLU A 210 -18.23 29.06 54.50
N VAL A 211 -19.39 29.19 53.89
CA VAL A 211 -20.44 30.06 54.42
C VAL A 211 -21.02 29.51 55.73
N GLN A 212 -20.92 28.20 55.93
CA GLN A 212 -21.25 27.61 57.21
C GLN A 212 -20.21 28.06 58.23
N ASP A 213 -18.94 28.02 57.82
CA ASP A 213 -17.85 28.48 58.66
C ASP A 213 -17.87 29.99 58.81
N LYS A 214 -18.45 30.69 57.84
CA LYS A 214 -18.61 32.14 57.94
C LYS A 214 -19.55 32.48 59.09
N ALA A 215 -20.66 31.75 59.16
CA ALA A 215 -21.66 31.96 60.20
C ALA A 215 -21.05 31.75 61.58
N ASN A 216 -20.16 30.77 61.68
CA ASN A 216 -19.51 30.46 62.95
C ASN A 216 -18.53 31.55 63.39
N LYS A 217 -17.83 32.15 62.43
CA LYS A 217 -16.86 33.20 62.76
C LYS A 217 -17.56 34.46 63.24
N GLU A 218 -18.71 34.76 62.64
CA GLU A 218 -19.49 35.93 63.04
C GLU A 218 -20.18 35.70 64.39
N ARG A 219 -20.65 34.46 64.60
CA ARG A 219 -21.21 34.03 65.88
C ARG A 219 -20.23 34.33 67.02
N ALA A 220 -18.95 34.09 66.72
CA ALA A 220 -17.89 34.19 67.72
C ALA A 220 -17.50 35.65 68.00
N GLU A 221 -17.49 36.48 66.97
CA GLU A 221 -17.24 37.91 67.14
C GLU A 221 -18.20 38.51 68.16
N LYS A 222 -19.45 38.05 68.12
CA LYS A 222 -20.49 38.54 69.03
C LYS A 222 -20.18 38.18 70.47
N VAL A 223 -19.82 36.92 70.71
CA VAL A 223 -19.52 36.43 72.04
C VAL A 223 -18.33 37.17 72.65
N ASP A 224 -17.36 37.55 71.82
CA ASP A 224 -16.12 38.15 72.29
C ASP A 224 -15.84 39.46 71.56
N GLU A 233 -13.31 32.70 73.13
CA GLU A 233 -11.89 33.02 73.20
C GLU A 233 -11.07 32.15 72.24
N LEU A 234 -10.57 31.02 72.73
CA LEU A 234 -9.82 30.07 71.91
C LEU A 234 -10.74 29.49 70.84
N ASP A 235 -11.94 29.11 71.25
CA ASP A 235 -12.94 28.55 70.35
C ASP A 235 -13.26 29.52 69.22
N LEU A 236 -13.31 30.81 69.55
CA LEU A 236 -13.45 31.86 68.55
C LEU A 236 -12.30 31.77 67.56
N LYS A 237 -11.09 31.71 68.09
CA LYS A 237 -9.88 31.69 67.28
C LYS A 237 -9.87 30.53 66.30
N ASP A 238 -10.37 29.37 66.75
CA ASP A 238 -10.45 28.19 65.92
C ASP A 238 -11.40 28.38 64.74
N ALA A 239 -12.51 29.09 65.00
CA ALA A 239 -13.51 29.34 63.96
C ALA A 239 -12.95 30.27 62.90
N LYS A 240 -12.22 31.30 63.34
CA LYS A 240 -11.59 32.23 62.42
C LYS A 240 -10.62 31.53 61.49
N ALA A 241 -9.85 30.59 62.04
CA ALA A 241 -8.86 29.85 61.27
C ALA A 241 -9.52 28.95 60.22
N LYS A 242 -10.64 28.34 60.58
CA LYS A 242 -11.37 27.48 59.66
C LYS A 242 -11.91 28.27 58.49
N TYR A 243 -12.43 29.46 58.75
CA TYR A 243 -12.95 30.34 57.71
C TYR A 243 -11.86 30.73 56.72
N LYS A 244 -10.70 31.11 57.26
CA LYS A 244 -9.56 31.49 56.43
C LYS A 244 -9.15 30.33 55.54
N GLU A 245 -9.03 29.15 56.11
CA GLU A 245 -8.61 27.99 55.33
C GLU A 245 -9.61 27.61 54.24
N THR A 246 -10.89 27.77 54.53
CA THR A 246 -11.92 27.38 53.56
C THR A 246 -12.08 28.45 52.47
N HIS A 247 -12.13 29.72 52.87
CA HIS A 247 -12.26 30.82 51.91
C HIS A 247 -11.09 30.85 50.94
N ILE A 248 -9.89 30.51 51.44
CA ILE A 248 -8.70 30.47 50.61
C ILE A 248 -8.80 29.37 49.55
N LYS A 249 -9.17 28.16 49.99
CA LYS A 249 -9.34 27.04 49.08
C LYS A 249 -10.44 27.31 48.05
N VAL A 250 -11.52 27.94 48.48
CA VAL A 250 -12.63 28.27 47.58
C VAL A 250 -12.19 29.19 46.46
N GLU A 251 -11.44 30.24 46.79
CA GLU A 251 -10.93 31.16 45.78
C GLU A 251 -9.91 30.50 44.87
N THR A 252 -9.10 29.62 45.46
CA THR A 252 -8.07 28.88 44.75
C THR A 252 -8.66 28.03 43.62
N THR A 253 -9.75 27.35 43.93
CA THR A 253 -10.46 26.53 42.97
C THR A 253 -11.10 27.33 41.82
N LYS A 254 -11.77 28.44 42.15
CA LYS A 254 -12.37 29.28 41.11
C LYS A 254 -11.30 29.75 40.14
N ALA A 255 -10.13 30.04 40.69
CA ALA A 255 -8.99 30.45 39.89
C ALA A 255 -8.53 29.26 39.05
N ALA A 256 -8.60 28.08 39.63
CA ALA A 256 -8.21 26.88 38.91
C ALA A 256 -9.15 26.59 37.72
N ILE A 257 -10.46 26.79 37.88
CA ILE A 257 -11.37 26.53 36.77
C ILE A 257 -11.16 27.49 35.60
N GLU A 258 -10.92 28.77 35.88
CA GLU A 258 -10.65 29.73 34.82
C GLU A 258 -9.38 29.34 34.09
N ASP A 259 -8.37 28.97 34.86
CA ASP A 259 -7.09 28.56 34.31
C ASP A 259 -7.18 27.29 33.47
N LEU A 260 -7.88 26.28 33.98
CA LEU A 260 -7.97 25.02 33.27
C LEU A 260 -8.72 25.19 31.95
N GLY A 261 -9.83 25.94 31.99
CA GLY A 261 -10.60 26.22 30.80
C GLY A 261 -9.82 26.94 29.72
N ARG A 262 -9.05 27.96 30.10
CA ARG A 262 -8.22 28.67 29.14
C ARG A 262 -7.15 27.75 28.59
N GLY A 263 -6.56 26.94 29.46
CA GLY A 263 -5.50 26.03 29.08
C GLY A 263 -6.04 24.98 28.13
N ALA A 265 -8.71 25.63 26.12
CA ALA A 265 -8.83 26.45 24.91
C ALA A 265 -7.48 26.71 24.25
N ALA A 266 -6.46 26.93 25.08
CA ALA A 266 -5.13 27.26 24.60
C ALA A 266 -4.55 26.16 23.73
N VAL A 267 -4.61 24.92 24.23
CA VAL A 267 -4.10 23.77 23.49
C VAL A 267 -4.91 23.54 22.21
N ASP A 268 -6.23 23.56 22.32
CA ASP A 268 -7.12 23.31 21.18
C ASP A 268 -6.80 24.32 20.08
N HIS A 269 -6.63 25.57 20.46
CA HIS A 269 -6.36 26.63 19.50
C HIS A 269 -4.99 26.46 18.86
N ALA A 270 -3.99 26.16 19.70
CA ALA A 270 -2.62 26.03 19.22
C ALA A 270 -2.50 24.88 18.24
N ILE A 271 -3.20 23.79 18.53
CA ILE A 271 -3.20 22.62 17.66
C ILE A 271 -3.76 22.98 16.29
N GLN A 273 -4.17 25.82 14.97
CA GLN A 273 -3.33 26.80 14.32
C GLN A 273 -2.04 26.15 13.81
N TYR A 274 -1.49 25.22 14.59
CA TYR A 274 -0.31 24.47 14.15
C TYR A 274 -0.60 23.65 12.91
N HIS A 275 -1.72 22.95 12.91
CA HIS A 275 -2.08 22.08 11.80
C HIS A 275 -2.27 22.90 10.53
N SER A 276 -3.01 23.99 10.65
CA SER A 276 -3.30 24.83 9.49
C SER A 276 -2.03 25.44 8.88
N LYS A 277 -1.15 25.96 9.73
CA LYS A 277 0.05 26.62 9.24
C LYS A 277 1.03 25.64 8.61
N GLU A 280 -0.39 24.71 5.08
CA GLU A 280 -0.11 25.81 4.18
C GLU A 280 1.34 25.81 3.74
N GLN A 281 2.25 25.62 4.69
CA GLN A 281 3.69 25.60 4.39
C GLN A 281 4.04 24.42 3.48
N ILE A 282 3.48 23.26 3.82
CA ILE A 282 3.67 22.04 3.04
C ILE A 282 3.17 22.23 1.63
N ASN A 283 1.95 22.73 1.54
CA ASN A 283 1.27 22.94 0.28
C ASN A 283 2.04 23.84 -0.68
N ARG A 284 2.67 24.87 -0.14
CA ARG A 284 3.45 25.79 -0.94
C ARG A 284 4.70 25.13 -1.52
N THR A 285 5.34 24.28 -0.72
CA THR A 285 6.50 23.52 -1.17
C THR A 285 6.16 22.52 -2.26
N ILE A 286 5.04 21.82 -2.09
CA ILE A 286 4.56 20.86 -3.07
C ILE A 286 4.38 21.54 -4.43
N ALA A 287 3.79 22.74 -4.39
CA ALA A 287 3.51 23.53 -5.58
C ALA A 287 4.79 23.96 -6.29
N GLU A 288 5.73 24.42 -5.49
CA GLU A 288 7.01 24.91 -5.99
C GLU A 288 7.70 23.75 -6.70
N LEU A 289 7.70 22.59 -6.05
CA LEU A 289 8.32 21.39 -6.60
C LEU A 289 7.60 20.84 -7.81
N TRP A 290 6.28 20.71 -7.74
CA TRP A 290 5.51 20.15 -8.85
C TRP A 290 5.65 20.98 -10.12
N GLN A 291 5.73 22.30 -9.96
CA GLN A 291 5.90 23.19 -11.10
C GLN A 291 7.29 23.02 -11.71
N SER A 292 8.30 22.94 -10.85
CA SER A 292 9.68 22.77 -11.26
C SER A 292 9.94 21.43 -11.93
N THR A 293 9.30 20.39 -11.40
CA THR A 293 9.64 19.01 -11.75
C THR A 293 8.81 18.40 -12.87
N TYR A 294 7.50 18.40 -12.69
CA TYR A 294 6.62 17.66 -13.58
C TYR A 294 6.59 18.26 -14.98
N GLN A 295 7.19 17.54 -15.93
CA GLN A 295 7.00 17.82 -17.33
C GLN A 295 5.57 17.43 -17.63
N GLY A 296 5.06 17.75 -18.80
CA GLY A 296 3.67 17.46 -19.06
C GLY A 296 2.72 18.56 -18.59
N THR A 297 1.65 18.71 -19.34
CA THR A 297 0.75 19.85 -19.23
C THR A 297 -0.55 19.48 -18.52
N ASP A 298 -0.65 18.22 -18.11
CA ASP A 298 -1.85 17.68 -17.48
C ASP A 298 -2.23 18.43 -16.22
N ILE A 299 -1.23 18.82 -15.45
CA ILE A 299 -1.43 19.46 -14.16
C ILE A 299 -0.48 20.64 -13.99
N ASP A 300 -0.99 21.78 -13.54
CA ASP A 300 -0.12 22.91 -13.25
C ASP A 300 0.45 22.79 -11.85
N THR A 301 -0.39 22.46 -10.88
CA THR A 301 0.12 22.18 -9.54
C THR A 301 -0.72 21.15 -8.80
N ILE A 302 -0.19 20.63 -7.70
CA ILE A 302 -0.87 19.65 -6.88
C ILE A 302 -0.91 20.15 -5.45
N GLN A 303 -2.06 20.09 -4.82
CA GLN A 303 -2.19 20.55 -3.44
C GLN A 303 -2.96 19.59 -2.55
N ILE A 304 -2.54 19.47 -1.30
CA ILE A 304 -3.28 18.69 -0.31
C ILE A 304 -4.37 19.52 0.35
N ARG A 305 -5.60 19.02 0.33
CA ARG A 305 -6.69 19.72 0.98
C ARG A 305 -7.08 19.01 2.27
N SER A 306 -7.22 19.76 3.35
CA SER A 306 -7.58 19.17 4.65
C SER A 306 -8.87 19.75 5.24
N ASP A 307 -9.72 18.87 5.77
CA ASP A 307 -11.03 19.29 6.30
C ASP A 307 -11.21 18.85 7.76
N VAL A 308 -11.88 19.68 8.56
CA VAL A 308 -12.07 19.35 9.97
C VAL A 308 -13.56 19.18 10.30
N GLU A 309 -13.86 18.18 11.12
CA GLU A 309 -15.20 17.98 11.69
C GLU A 309 -15.21 17.91 13.22
N SER A 310 -16.20 18.55 13.84
CA SER A 310 -16.28 18.55 15.30
C SER A 310 -17.47 17.72 15.77
N THR A 311 -17.20 16.83 16.73
CA THR A 311 -18.20 15.96 17.34
C THR A 311 -18.51 16.42 18.78
N THR A 312 -19.75 16.21 19.22
CA THR A 312 -20.20 16.69 20.53
C THR A 312 -20.31 15.53 21.52
N SER A 313 -19.72 15.71 22.69
CA SER A 313 -19.73 14.67 23.73
C SER A 313 -19.92 15.21 25.14
N SER A 314 -20.55 14.40 25.99
CA SER A 314 -20.70 14.75 27.40
C SER A 314 -19.41 14.46 28.18
N THR A 318 -15.90 19.09 20.99
CA THR A 318 -14.85 18.74 21.93
C THR A 318 -13.72 18.04 21.17
N ARG A 319 -14.10 17.40 20.07
CA ARG A 319 -13.14 16.68 19.22
C ARG A 319 -12.99 17.26 17.83
N ARG A 320 -11.76 17.32 17.36
CA ARG A 320 -11.48 17.81 16.03
C ARG A 320 -11.16 16.59 15.18
N ASN A 321 -11.93 16.41 14.11
CA ASN A 321 -11.77 15.27 13.24
C ASN A 321 -11.21 15.70 11.90
N TYR A 322 -10.10 15.12 11.46
CA TYR A 322 -9.48 15.56 10.23
C TYR A 322 -9.55 14.53 9.10
N ASN A 323 -9.94 15.00 7.92
CA ASN A 323 -9.88 14.21 6.70
C ASN A 323 -9.01 14.87 5.64
N TYR A 324 -8.13 14.07 5.05
CA TYR A 324 -7.15 14.55 4.10
C TYR A 324 -7.41 13.98 2.70
N ARG A 325 -7.12 14.77 1.67
CA ARG A 325 -7.19 14.30 0.28
C ARG A 325 -6.18 15.02 -0.62
N VAL A 326 -5.60 14.29 -1.56
CA VAL A 326 -4.63 14.87 -2.49
C VAL A 326 -5.34 15.24 -3.79
N SER A 327 -5.11 16.46 -4.30
CA SER A 327 -5.89 16.91 -5.45
C SER A 327 -5.11 17.44 -6.65
N VAL A 329 -5.02 19.92 -10.10
CA VAL A 329 -5.64 21.07 -10.76
C VAL A 329 -4.95 21.43 -12.07
N LYS A 330 -5.72 21.40 -13.15
CA LYS A 330 -5.33 22.00 -14.42
C LYS A 330 -6.50 22.83 -14.95
N GLY A 331 -6.26 24.09 -15.22
CA GLY A 331 -7.31 24.94 -15.75
C GLY A 331 -8.49 25.09 -14.81
N ASP A 332 -8.20 25.39 -13.55
CA ASP A 332 -9.21 25.70 -12.52
C ASP A 332 -10.01 24.54 -11.94
N THR A 333 -9.91 23.34 -12.52
CA THR A 333 -10.65 22.20 -11.96
C THR A 333 -9.94 21.65 -10.73
N GLU A 334 -10.72 21.34 -9.70
CA GLU A 334 -10.22 20.64 -8.52
C GLU A 334 -10.60 19.18 -8.58
N ASP A 336 -9.81 15.22 -7.19
CA ASP A 336 -9.21 14.25 -6.29
C ASP A 336 -8.38 13.26 -7.12
N ARG A 338 -7.29 10.27 -6.15
CA ARG A 338 -7.50 8.86 -5.83
C ARG A 338 -8.38 8.18 -6.87
N GLY A 339 -7.84 7.11 -7.45
CA GLY A 339 -8.54 6.37 -8.49
C GLY A 339 -8.42 7.01 -9.86
N ARG A 340 -7.81 8.19 -9.89
CA ARG A 340 -7.77 9.00 -11.10
C ARG A 340 -6.37 9.36 -11.57
N CYS A 341 -5.34 8.82 -10.94
CA CYS A 341 -4.00 9.23 -11.32
C CYS A 341 -3.18 8.10 -11.93
N SER A 342 -2.30 8.51 -12.84
CA SER A 342 -1.36 7.64 -13.52
C SER A 342 -0.30 7.05 -12.60
N ALA A 343 0.34 5.99 -13.07
CA ALA A 343 1.39 5.31 -12.32
C ALA A 343 2.60 6.19 -12.09
N GLY A 344 3.09 6.81 -13.17
CA GLY A 344 4.18 7.75 -13.08
C GLY A 344 3.86 8.98 -12.26
N GLN A 345 2.62 9.45 -12.38
CA GLN A 345 2.14 10.59 -11.60
C GLN A 345 2.13 10.27 -10.11
N LYS A 346 1.70 9.06 -9.76
CA LYS A 346 1.71 8.61 -8.37
C LYS A 346 3.12 8.66 -7.77
N VAL A 347 4.09 8.12 -8.50
CA VAL A 347 5.46 8.06 -8.03
C VAL A 347 6.04 9.44 -7.76
N LEU A 348 5.92 10.34 -8.74
CA LEU A 348 6.49 11.68 -8.63
C LEU A 348 5.85 12.49 -7.52
N ALA A 349 4.52 12.47 -7.46
CA ALA A 349 3.79 13.22 -6.45
C ALA A 349 4.11 12.76 -5.03
N SER A 350 4.22 11.45 -4.82
CA SER A 350 4.57 10.91 -3.52
C SER A 350 5.96 11.36 -3.09
N ILE A 351 6.92 11.35 -4.03
CA ILE A 351 8.27 11.82 -3.75
C ILE A 351 8.24 13.27 -3.32
N ILE A 352 7.50 14.08 -4.06
CA ILE A 352 7.36 15.51 -3.78
C ILE A 352 6.73 15.77 -2.42
N ILE A 353 5.66 15.05 -2.11
CA ILE A 353 5.00 15.15 -0.82
C ILE A 353 5.92 14.77 0.35
N ARG A 354 6.69 13.68 0.22
CA ARG A 354 7.62 13.30 1.28
C ARG A 354 8.69 14.37 1.48
N LEU A 355 9.23 14.90 0.39
CA LEU A 355 10.24 15.94 0.46
C LEU A 355 9.70 17.17 1.18
N ALA A 356 8.48 17.55 0.81
CA ALA A 356 7.81 18.69 1.45
C ALA A 356 7.56 18.42 2.92
N LEU A 357 7.07 17.22 3.22
CA LEU A 357 6.70 16.85 4.59
C LEU A 357 7.90 17.00 5.51
N ALA A 358 9.04 16.47 5.08
CA ALA A 358 10.25 16.53 5.87
C ALA A 358 10.67 17.98 6.10
N GLU A 359 10.77 18.74 5.02
CA GLU A 359 11.22 20.13 5.07
C GLU A 359 10.42 20.95 6.08
N SER A 360 9.10 20.90 5.95
CA SER A 360 8.24 21.62 6.87
C SER A 360 8.13 20.94 8.25
N PHE A 361 7.82 19.65 8.29
CA PHE A 361 7.56 18.97 9.56
C PHE A 361 8.78 18.68 10.42
N CYS A 362 9.81 18.12 9.80
CA CYS A 362 10.98 17.67 10.56
C CYS A 362 11.79 18.85 11.01
N ALA A 363 12.54 18.66 12.10
CA ALA A 363 13.48 19.68 12.52
C ALA A 363 14.43 19.81 11.36
N ASN A 364 14.81 21.04 11.02
CA ASN A 364 15.40 21.26 9.72
C ASN A 364 16.82 20.71 9.60
N CYS A 365 16.85 19.39 9.46
CA CYS A 365 18.04 18.64 9.09
C CYS A 365 17.69 17.98 7.76
N GLY A 366 18.52 18.19 6.75
CA GLY A 366 18.16 17.76 5.41
C GLY A 366 18.27 16.26 5.24
N LEU A 367 17.53 15.51 6.06
CA LEU A 367 17.58 14.06 6.01
C LEU A 367 16.40 13.48 5.26
N ILE A 368 16.68 12.84 4.14
CA ILE A 368 15.69 12.03 3.45
C ILE A 368 16.41 10.96 2.64
N ALA A 369 15.78 9.80 2.52
CA ALA A 369 16.32 8.72 1.70
C ALA A 369 15.30 8.35 0.64
N LEU A 370 15.75 8.36 -0.61
CA LEU A 370 14.88 8.09 -1.77
C LEU A 370 15.34 6.80 -2.43
N ASP A 371 14.45 5.80 -2.45
CA ASP A 371 14.82 4.50 -3.01
C ASP A 371 14.22 4.33 -4.38
N GLU A 372 15.07 4.45 -5.40
CA GLU A 372 14.68 4.35 -6.80
C GLU A 372 13.57 5.36 -7.11
N PRO A 373 13.90 6.66 -7.01
CA PRO A 373 12.89 7.69 -7.31
C PRO A 373 12.35 7.58 -8.75
N THR A 374 13.13 6.97 -9.65
CA THR A 374 12.78 6.92 -11.07
C THR A 374 11.71 5.91 -11.47
N THR A 375 11.11 5.22 -10.50
CA THR A 375 10.12 4.19 -10.79
C THR A 375 8.97 4.71 -11.65
N ASN A 376 8.75 4.07 -12.78
CA ASN A 376 7.68 4.41 -13.72
C ASN A 376 7.73 5.82 -14.27
N LEU A 377 8.89 6.46 -14.25
CA LEU A 377 9.00 7.82 -14.76
C LEU A 377 9.65 7.82 -16.13
N ASP A 378 9.16 8.66 -17.03
CA ASP A 378 9.72 8.72 -18.37
C ASP A 378 11.03 9.51 -18.35
N SER A 379 11.70 9.59 -19.50
CA SER A 379 12.99 10.26 -19.60
C SER A 379 12.96 11.72 -19.14
N ASP A 380 11.94 12.45 -19.56
CA ASP A 380 11.85 13.86 -19.20
C ASP A 380 11.66 14.04 -17.71
N ASN A 381 10.76 13.27 -17.12
CA ASN A 381 10.53 13.36 -15.68
C ASN A 381 11.77 12.91 -14.90
N ILE A 382 12.54 11.98 -15.46
CA ILE A 382 13.79 11.56 -14.85
C ILE A 382 14.81 12.68 -14.88
N ARG A 383 15.01 13.25 -16.05
CA ARG A 383 15.93 14.36 -16.22
C ARG A 383 15.54 15.48 -15.27
N SER A 384 14.25 15.79 -15.28
CA SER A 384 13.69 16.86 -14.47
C SER A 384 13.88 16.65 -12.96
N LEU A 385 13.61 15.43 -12.50
CA LEU A 385 13.69 15.12 -11.08
C LEU A 385 15.15 15.27 -10.62
N ALA A 386 16.07 14.76 -11.43
CA ALA A 386 17.49 14.85 -11.11
C ALA A 386 17.90 16.31 -10.97
N GLU A 387 17.42 17.13 -11.89
CA GLU A 387 17.72 18.56 -11.91
C GLU A 387 17.20 19.30 -10.68
N SER A 388 16.00 18.96 -10.23
CA SER A 388 15.47 19.57 -9.01
C SER A 388 16.30 19.19 -7.81
N LEU A 389 16.64 17.92 -7.72
CA LEU A 389 17.44 17.42 -6.60
C LEU A 389 18.77 18.14 -6.60
N HIS A 390 19.38 18.24 -7.77
CA HIS A 390 20.66 18.94 -7.92
C HIS A 390 20.54 20.41 -7.50
N GLY A 391 19.39 21.02 -7.81
CA GLY A 391 19.15 22.39 -7.40
C GLY A 391 19.06 22.50 -5.89
N ILE A 392 18.35 21.57 -5.27
CA ILE A 392 18.21 21.48 -3.83
C ILE A 392 19.58 21.27 -3.17
N ILE A 393 20.44 20.52 -3.83
CA ILE A 393 21.80 20.30 -3.32
C ILE A 393 22.60 21.60 -3.31
N LYS A 394 22.50 22.39 -4.36
CA LYS A 394 23.30 23.61 -4.49
C LYS A 394 22.87 24.70 -3.49
N ALA A 395 21.56 24.85 -3.30
CA ALA A 395 21.04 25.83 -2.35
C ALA A 395 21.34 25.50 -0.88
N ARG A 396 21.14 24.24 -0.51
CA ARG A 396 21.22 23.80 0.88
C ARG A 396 22.65 23.42 1.30
N GLN A 397 23.56 23.39 0.35
CA GLN A 397 24.90 22.88 0.61
C GLN A 397 25.73 23.78 1.50
N ALA A 398 25.71 25.07 1.19
CA ALA A 398 26.52 26.05 1.90
C ALA A 398 26.28 26.03 3.41
N GLN A 399 25.01 26.01 3.81
CA GLN A 399 24.64 25.93 5.23
C GLN A 399 25.17 24.69 5.93
N GLY A 400 25.07 23.55 5.26
CA GLY A 400 25.60 22.31 5.81
C GLY A 400 24.45 21.60 6.52
N ASN A 401 23.25 21.77 5.98
CA ASN A 401 22.07 21.15 6.57
C ASN A 401 21.41 20.07 5.74
N LEU A 402 22.16 19.39 4.87
CA LEU A 402 21.52 18.38 4.03
C LEU A 402 22.25 17.04 3.95
N GLN A 403 21.52 15.95 4.17
CA GLN A 403 21.96 14.60 3.81
C GLN A 403 20.93 13.90 2.97
N LEU A 404 21.25 13.70 1.70
CA LEU A 404 20.28 13.12 0.79
C LEU A 404 20.82 11.76 0.34
N ILE A 405 19.98 10.73 0.41
CA ILE A 405 20.38 9.38 0.01
C ILE A 405 19.58 8.89 -1.18
N VAL A 406 20.27 8.49 -2.24
CA VAL A 406 19.58 7.95 -3.41
C VAL A 406 19.99 6.53 -3.71
N ILE A 407 18.99 5.66 -3.82
CA ILE A 407 19.19 4.28 -4.22
C ILE A 407 18.78 4.19 -5.68
N THR A 408 19.67 3.76 -6.57
CA THR A 408 19.22 3.61 -7.95
C THR A 408 20.00 2.60 -8.80
N HIS A 409 19.36 2.14 -9.87
CA HIS A 409 19.95 1.24 -10.85
C HIS A 409 19.83 1.82 -12.25
N ASP A 410 19.54 3.12 -12.32
CA ASP A 410 19.25 3.80 -13.58
C ASP A 410 20.45 4.65 -14.00
N GLU A 411 21.00 4.36 -15.18
CA GLU A 411 22.20 5.05 -15.67
C GLU A 411 21.95 6.51 -16.03
N GLU A 412 20.79 6.80 -16.58
CA GLU A 412 20.48 8.18 -16.95
C GLU A 412 20.41 9.05 -15.72
N PHE A 413 19.63 8.61 -14.74
CA PHE A 413 19.44 9.37 -13.51
C PHE A 413 20.77 9.53 -12.82
N LEU A 414 21.57 8.46 -12.86
CA LEU A 414 22.87 8.44 -12.23
C LEU A 414 23.77 9.57 -12.71
N LYS A 415 23.81 9.76 -14.01
CA LYS A 415 24.68 10.76 -14.62
C LYS A 415 24.35 12.20 -14.20
N TYR A 416 23.08 12.58 -14.26
CA TYR A 416 22.67 13.94 -13.91
C TYR A 416 22.98 14.27 -12.45
N GLN A 418 25.39 12.63 -10.12
CA GLN A 418 26.60 12.28 -9.39
C GLN A 418 27.80 13.24 -9.46
N CYS A 419 28.19 13.72 -10.64
CA CYS A 419 29.52 14.31 -10.77
C CYS A 419 29.65 15.71 -10.18
N SER A 420 28.73 16.62 -10.50
CA SER A 420 28.82 18.00 -10.06
C SER A 420 28.82 18.18 -8.54
N ASP A 421 27.93 17.48 -7.85
CA ASP A 421 27.80 17.60 -6.40
C ASP A 421 29.04 17.15 -5.65
N PHE A 422 29.20 17.61 -4.41
CA PHE A 422 30.37 17.27 -3.63
C PHE A 422 30.33 15.80 -3.22
N CYS A 423 30.42 14.92 -4.20
CA CYS A 423 30.65 13.53 -3.87
C CYS A 423 31.81 13.07 -4.75
N ASP A 424 32.85 12.60 -4.08
CA ASP A 424 34.05 12.11 -4.73
C ASP A 424 33.89 10.61 -4.72
N ASP A 425 32.79 10.17 -4.10
CA ASP A 425 32.51 8.77 -3.92
C ASP A 425 31.03 8.45 -3.96
N PHE A 426 30.76 7.20 -4.26
CA PHE A 426 29.43 6.62 -4.17
C PHE A 426 29.61 5.17 -3.80
N TYR A 427 28.51 4.51 -3.46
CA TYR A 427 28.59 3.13 -3.00
C TYR A 427 27.94 2.17 -3.97
N ARG A 428 28.65 1.09 -4.27
CA ARG A 428 28.07 0.04 -5.07
C ARG A 428 27.83 -1.13 -4.14
N VAL A 429 26.65 -1.72 -4.23
CA VAL A 429 26.36 -2.89 -3.42
C VAL A 429 26.24 -4.07 -4.37
N LYS A 430 27.24 -4.93 -4.35
CA LYS A 430 27.30 -6.06 -5.25
C LYS A 430 27.35 -7.34 -4.42
N ARG A 431 27.11 -8.49 -5.05
CA ARG A 431 27.23 -9.75 -4.35
C ARG A 431 28.57 -10.49 -4.58
N ASP A 432 29.17 -10.95 -3.49
CA ASP A 432 30.44 -11.68 -3.51
C ASP A 432 30.34 -13.09 -4.08
N GLU A 433 31.49 -13.76 -4.13
CA GLU A 433 31.59 -15.11 -4.66
C GLU A 433 30.62 -16.06 -3.98
N LYS A 434 30.52 -15.93 -2.65
CA LYS A 434 29.58 -16.68 -1.83
C LYS A 434 28.12 -16.21 -1.87
N GLN A 435 27.82 -15.24 -2.74
CA GLN A 435 26.48 -14.64 -2.87
C GLN A 435 25.98 -13.86 -1.66
N ASN A 436 26.89 -13.34 -0.84
CA ASN A 436 26.53 -12.41 0.23
C ASN A 436 26.70 -10.98 -0.23
N SER A 437 25.93 -10.05 0.33
CA SER A 437 26.01 -8.66 -0.12
C SER A 437 27.24 -8.00 0.46
N VAL A 438 27.99 -7.33 -0.42
CA VAL A 438 29.16 -6.56 -0.01
C VAL A 438 28.94 -5.10 -0.38
N ILE A 439 29.50 -4.21 0.42
CA ILE A 439 29.38 -2.79 0.13
C ILE A 439 30.75 -2.25 -0.20
N VAL A 440 30.90 -1.84 -1.46
CA VAL A 440 32.17 -1.33 -1.97
C VAL A 440 32.05 0.13 -2.37
N ARG A 441 33.09 0.89 -2.06
CA ARG A 441 33.12 2.29 -2.43
C ARG A 441 33.89 2.48 -3.73
N GLU A 442 33.23 3.09 -4.70
CA GLU A 442 33.88 3.34 -5.98
C GLU A 442 34.34 4.78 -5.96
N SER A 443 35.63 4.98 -6.24
CA SER A 443 36.15 6.33 -6.32
C SER A 443 35.86 6.95 -7.67
N ILE A 444 35.21 8.11 -7.66
CA ILE A 444 34.93 8.82 -8.89
C ILE A 444 36.27 9.42 -9.31
N THR A 445 36.50 9.51 -10.62
CA THR A 445 37.70 10.14 -11.15
C THR A 445 37.98 11.52 -10.56
N SER B 2 -8.92 -17.02 -32.04
CA SER B 2 -9.63 -15.94 -31.38
C SER B 2 -8.80 -14.66 -31.39
N LYS B 3 -9.25 -13.68 -32.18
CA LYS B 3 -8.57 -12.39 -32.28
C LYS B 3 -9.42 -11.25 -31.74
N ILE B 4 -8.77 -10.21 -31.21
CA ILE B 4 -9.41 -8.91 -31.05
C ILE B 4 -8.92 -8.01 -32.19
N GLU B 5 -9.84 -7.37 -32.90
CA GLU B 5 -9.45 -6.56 -34.05
C GLU B 5 -9.28 -5.07 -33.76
N LYS B 6 -10.26 -4.46 -33.11
CA LYS B 6 -10.27 -3.02 -32.98
C LYS B 6 -11.03 -2.58 -31.73
N LEU B 7 -10.57 -1.47 -31.13
CA LEU B 7 -11.22 -0.91 -29.96
C LEU B 7 -11.43 0.58 -30.16
N SER B 8 -12.64 1.05 -29.87
CA SER B 8 -12.94 2.47 -29.98
C SER B 8 -13.34 3.02 -28.63
N ILE B 9 -12.71 4.12 -28.23
CA ILE B 9 -12.92 4.68 -26.90
C ILE B 9 -13.51 6.09 -26.94
N LEU B 10 -14.54 6.32 -26.13
CA LEU B 10 -15.14 7.65 -26.03
C LEU B 10 -15.51 8.03 -24.60
N GLY B 11 -15.08 9.21 -24.16
CA GLY B 11 -15.44 9.77 -22.88
C GLY B 11 -14.91 9.12 -21.61
N VAL B 12 -13.93 8.24 -21.74
CA VAL B 12 -13.33 7.62 -20.58
C VAL B 12 -12.02 8.32 -20.17
N ARG B 13 -11.81 8.46 -18.87
CA ARG B 13 -10.53 8.98 -18.36
C ARG B 13 -10.12 10.30 -19.00
N SER B 14 -8.91 10.37 -19.52
CA SER B 14 -8.45 11.58 -20.19
C SER B 14 -9.04 11.75 -21.59
N PHE B 15 -9.79 10.75 -22.04
CA PHE B 15 -10.34 10.77 -23.39
C PHE B 15 -11.62 11.60 -23.45
N GLY B 16 -11.75 12.41 -24.49
CA GLY B 16 -12.93 13.23 -24.70
C GLY B 16 -14.21 12.47 -24.96
N PRO B 17 -15.36 13.11 -24.68
CA PRO B 17 -16.66 12.48 -24.89
C PRO B 17 -17.30 12.83 -26.22
N HIS B 18 -16.61 13.60 -27.05
CA HIS B 18 -17.19 14.07 -28.31
C HIS B 18 -16.53 13.49 -29.56
N HIS B 19 -15.21 13.27 -29.51
CA HIS B 19 -14.56 12.59 -30.62
C HIS B 19 -13.92 11.30 -30.10
N PRO B 20 -14.33 10.16 -30.68
CA PRO B 20 -13.81 8.85 -30.27
C PRO B 20 -12.41 8.55 -30.80
N GLU B 21 -11.69 7.70 -30.07
CA GLU B 21 -10.36 7.25 -30.48
C GLU B 21 -10.28 5.73 -30.66
N THR B 22 -9.71 5.30 -31.77
CA THR B 22 -9.64 3.88 -32.10
C THR B 22 -8.21 3.34 -32.20
N ILE B 23 -8.01 2.16 -31.63
CA ILE B 23 -6.74 1.44 -31.73
C ILE B 23 -6.97 0.11 -32.45
N ALA B 24 -6.15 -0.18 -33.46
CA ALA B 24 -6.23 -1.44 -34.18
C ALA B 24 -5.11 -2.39 -33.74
N PHE B 25 -5.48 -3.58 -33.29
CA PHE B 25 -4.52 -4.51 -32.70
C PHE B 25 -3.77 -5.37 -33.72
N ASN B 26 -2.46 -5.17 -33.77
CA ASN B 26 -1.61 -5.88 -34.70
C ASN B 26 -1.38 -7.33 -34.29
N THR B 27 -0.84 -8.09 -35.23
CA THR B 27 -0.44 -9.46 -34.98
C THR B 27 1.03 -9.56 -35.35
N PRO B 28 1.87 -10.07 -34.43
CA PRO B 28 1.53 -10.56 -33.10
C PRO B 28 1.87 -9.59 -31.97
N LEU B 29 2.27 -8.37 -32.32
CA LEU B 29 2.67 -7.40 -31.32
C LEU B 29 2.08 -6.02 -31.56
N THR B 30 1.42 -5.46 -30.55
CA THR B 30 0.99 -4.08 -30.61
C THR B 30 1.75 -3.30 -29.55
N LEU B 31 2.44 -2.25 -29.98
CA LEU B 31 3.21 -1.45 -29.05
C LEU B 31 2.51 -0.12 -28.84
N ILE B 32 2.32 0.23 -27.58
CA ILE B 32 1.76 1.53 -27.27
C ILE B 32 2.73 2.31 -26.39
N VAL B 33 3.15 3.47 -26.87
CA VAL B 33 4.12 4.28 -26.16
C VAL B 33 3.59 5.69 -25.92
N GLY B 34 3.98 6.28 -24.79
CA GLY B 34 3.57 7.64 -24.48
C GLY B 34 4.29 8.17 -23.26
N TYR B 35 4.18 9.47 -23.04
CA TYR B 35 4.71 10.07 -21.81
C TYR B 35 3.78 9.76 -20.65
N ASN B 36 4.23 10.06 -19.43
CA ASN B 36 3.42 9.85 -18.24
C ASN B 36 2.07 10.54 -18.33
N GLY B 37 1.00 9.78 -18.12
CA GLY B 37 -0.35 10.30 -18.12
C GLY B 37 -0.98 10.46 -19.48
N SER B 38 -0.34 9.90 -20.51
CA SER B 38 -0.84 9.97 -21.87
C SER B 38 -2.22 9.35 -22.03
N GLY B 39 -2.44 8.21 -21.38
CA GLY B 39 -3.70 7.49 -21.49
C GLY B 39 -3.51 6.06 -21.95
N LYS B 40 -2.29 5.53 -21.81
CA LYS B 40 -1.99 4.15 -22.23
C LYS B 40 -2.67 3.07 -21.40
N THR B 41 -2.46 3.08 -20.09
CA THR B 41 -3.09 2.11 -19.20
C THR B 41 -4.61 2.12 -19.39
N THR B 42 -5.13 3.31 -19.69
CA THR B 42 -6.56 3.51 -19.92
C THR B 42 -7.10 2.54 -20.97
N VAL B 43 -6.30 2.26 -21.99
CA VAL B 43 -6.68 1.36 -23.07
C VAL B 43 -6.95 -0.06 -22.57
N ILE B 44 -6.04 -0.59 -21.75
CA ILE B 44 -6.20 -1.95 -21.23
C ILE B 44 -7.44 -2.04 -20.36
N GLU B 45 -7.71 -0.98 -19.60
CA GLU B 45 -8.90 -0.92 -18.76
C GLU B 45 -10.14 -1.13 -19.62
N CYS B 46 -10.18 -0.43 -20.76
CA CYS B 46 -11.29 -0.52 -21.70
C CYS B 46 -11.37 -1.90 -22.33
N LEU B 47 -10.20 -2.48 -22.58
CA LEU B 47 -10.11 -3.84 -23.12
C LEU B 47 -10.61 -4.83 -22.08
N LYS B 48 -10.27 -4.55 -20.83
CA LYS B 48 -10.66 -5.36 -19.70
C LYS B 48 -12.16 -5.28 -19.45
N TYR B 49 -12.71 -4.08 -19.59
CA TYR B 49 -14.12 -3.86 -19.32
C TYR B 49 -15.04 -4.56 -20.31
N ALA B 50 -14.74 -4.41 -21.60
CA ALA B 50 -15.56 -5.00 -22.66
C ALA B 50 -15.66 -6.51 -22.50
N THR B 51 -14.53 -7.14 -22.19
CA THR B 51 -14.47 -8.59 -22.10
C THR B 51 -14.96 -9.15 -20.76
N THR B 52 -14.79 -8.40 -19.67
CA THR B 52 -15.12 -8.93 -18.35
C THR B 52 -16.34 -8.24 -17.75
N GLY B 53 -16.59 -7.00 -18.15
CA GLY B 53 -17.62 -6.20 -17.50
C GLY B 53 -17.15 -5.75 -16.14
N GLU B 54 -15.83 -5.72 -15.96
CA GLU B 54 -15.23 -5.29 -14.70
C GLU B 54 -14.51 -3.96 -14.84
N LEU B 55 -14.80 -3.03 -13.95
CA LEU B 55 -14.10 -1.75 -13.94
C LEU B 55 -12.82 -1.92 -13.12
N PRO B 56 -11.82 -1.07 -13.37
CA PRO B 56 -10.57 -1.26 -12.61
C PRO B 56 -10.79 -1.12 -11.12
N PRO B 57 -9.94 -1.77 -10.32
CA PRO B 57 -10.05 -1.58 -8.87
C PRO B 57 -9.77 -0.12 -8.58
N ASN B 58 -10.46 0.45 -7.59
CA ASN B 58 -10.27 1.82 -7.12
C ASN B 58 -10.99 2.82 -8.00
N SER B 59 -11.64 2.33 -9.06
CA SER B 59 -12.37 3.21 -9.97
C SER B 59 -13.84 2.83 -10.11
N THR B 60 -14.34 2.07 -9.14
CA THR B 60 -15.70 1.55 -9.22
C THR B 60 -16.80 2.60 -9.07
N ARG B 61 -16.58 3.59 -8.20
CA ARG B 61 -17.60 4.59 -7.93
C ARG B 61 -16.99 6.01 -8.00
N ASN B 62 -17.87 7.02 -7.95
CA ASN B 62 -17.55 8.44 -8.08
C ASN B 62 -17.25 8.81 -9.52
N GLY B 63 -17.57 7.87 -10.42
CA GLY B 63 -17.34 8.05 -11.84
C GLY B 63 -15.88 8.40 -12.10
N ALA B 64 -15.00 7.73 -11.36
CA ALA B 64 -13.57 7.96 -11.47
C ALA B 64 -13.10 7.54 -12.86
N PHE B 65 -13.69 6.45 -13.34
CA PHE B 65 -13.36 5.88 -14.64
C PHE B 65 -13.68 6.86 -15.76
N ILE B 66 -14.74 7.64 -15.57
CA ILE B 66 -15.30 8.48 -16.61
C ILE B 66 -14.57 9.79 -16.73
N HIS B 67 -14.42 10.29 -17.96
CA HIS B 67 -13.86 11.62 -18.17
C HIS B 67 -14.71 12.56 -17.35
N ASP B 68 -14.07 13.34 -16.49
CA ASP B 68 -14.81 14.14 -15.53
C ASP B 68 -15.73 15.14 -16.22
N PRO B 69 -16.98 15.21 -15.76
CA PRO B 69 -17.97 16.14 -16.30
C PRO B 69 -17.52 17.59 -16.18
N ASP B 70 -16.82 17.93 -15.12
CA ASP B 70 -16.53 19.33 -14.76
C ASP B 70 -15.78 20.08 -15.87
N LEU B 71 -14.89 19.40 -16.58
CA LEU B 71 -14.08 20.06 -17.60
C LEU B 71 -14.88 20.58 -18.79
N VAL B 72 -16.00 19.92 -19.10
CA VAL B 72 -16.71 20.20 -20.35
C VAL B 72 -18.11 20.86 -20.26
N GLY B 73 -18.57 21.19 -19.05
CA GLY B 73 -19.87 21.83 -18.91
C GLY B 73 -21.05 20.89 -19.14
N GLU B 74 -20.88 19.61 -18.83
CA GLU B 74 -21.99 18.67 -18.93
C GLU B 74 -22.55 18.30 -17.56
N LYS B 75 -23.77 17.76 -17.55
CA LYS B 75 -24.38 17.24 -16.32
C LYS B 75 -24.27 15.74 -16.42
N GLU B 76 -24.09 15.30 -17.66
CA GLU B 76 -23.99 13.90 -18.02
C GLU B 76 -22.78 13.68 -18.88
N VAL B 77 -22.07 12.59 -18.64
CA VAL B 77 -21.07 12.13 -19.59
C VAL B 77 -21.42 10.69 -19.89
N ARG B 78 -21.24 10.27 -21.14
CA ARG B 78 -21.38 8.87 -21.46
C ARG B 78 -20.10 8.33 -22.07
N ALA B 79 -19.70 7.17 -21.59
CA ALA B 79 -18.51 6.51 -22.10
C ALA B 79 -18.93 5.25 -22.80
N GLN B 80 -18.42 5.03 -24.00
CA GLN B 80 -18.71 3.81 -24.71
C GLN B 80 -17.43 3.10 -25.08
N VAL B 81 -17.45 1.79 -24.90
CA VAL B 81 -16.33 0.94 -25.27
C VAL B 81 -16.76 -0.05 -26.35
N LYS B 82 -16.19 0.06 -27.54
CA LYS B 82 -16.45 -0.88 -28.62
C LYS B 82 -15.26 -1.82 -28.82
N LEU B 83 -15.48 -3.12 -28.72
CA LEU B 83 -14.45 -4.09 -29.10
C LEU B 83 -14.95 -5.02 -30.18
N SER B 84 -14.31 -4.97 -31.35
CA SER B 84 -14.64 -5.86 -32.44
C SER B 84 -13.63 -6.98 -32.42
N PHE B 85 -14.12 -8.22 -32.28
CA PHE B 85 -13.23 -9.36 -32.11
C PHE B 85 -13.68 -10.56 -32.94
N ARG B 86 -12.83 -11.58 -32.99
CA ARG B 86 -13.14 -12.78 -33.75
C ARG B 86 -13.19 -14.00 -32.85
N SER B 87 -14.14 -14.89 -33.12
CA SER B 87 -14.35 -16.06 -32.28
C SER B 87 -13.22 -17.07 -32.44
N THR B 88 -13.26 -18.11 -31.61
CA THR B 88 -12.32 -19.21 -31.74
C THR B 88 -12.57 -19.87 -33.10
N ILE B 89 -13.84 -20.07 -33.41
CA ILE B 89 -14.26 -20.66 -34.68
C ILE B 89 -13.95 -19.73 -35.87
N GLY B 90 -13.83 -18.44 -35.59
CA GLY B 90 -13.53 -17.48 -36.64
C GLY B 90 -14.73 -16.68 -37.13
N GLU B 91 -15.85 -16.76 -36.41
CA GLU B 91 -16.96 -15.86 -36.63
C GLU B 91 -16.61 -14.49 -36.06
N SER B 92 -17.07 -13.43 -36.72
CA SER B 92 -16.72 -12.07 -36.29
C SER B 92 -17.78 -11.48 -35.36
N TYR B 93 -17.35 -11.00 -34.20
CA TYR B 93 -18.27 -10.42 -33.22
C TYR B 93 -17.92 -8.97 -32.89
N VAL B 94 -18.91 -8.23 -32.37
CA VAL B 94 -18.67 -6.91 -31.79
C VAL B 94 -19.32 -6.82 -30.41
N VAL B 95 -18.59 -6.31 -29.43
CA VAL B 95 -19.20 -6.01 -28.14
C VAL B 95 -19.08 -4.53 -27.80
N THR B 96 -20.19 -3.91 -27.43
CA THR B 96 -20.17 -2.51 -27.06
C THR B 96 -20.71 -2.35 -25.63
N ARG B 97 -20.07 -1.47 -24.86
CA ARG B 97 -20.57 -1.11 -23.54
C ARG B 97 -20.68 0.40 -23.39
N ASN B 98 -21.84 0.87 -22.97
CA ASN B 98 -22.09 2.29 -22.73
C ASN B 98 -22.43 2.47 -21.26
N ILE B 99 -21.84 3.47 -20.62
CA ILE B 99 -22.16 3.79 -19.23
C ILE B 99 -22.49 5.28 -19.06
N GLN B 100 -23.45 5.59 -18.20
CA GLN B 100 -23.83 6.97 -17.94
C GLN B 100 -23.29 7.47 -16.60
N LEU B 101 -22.72 8.67 -16.61
CA LEU B 101 -22.38 9.35 -15.36
C LEU B 101 -23.21 10.61 -15.25
N LEU B 102 -24.01 10.71 -14.20
CA LEU B 102 -24.92 11.84 -14.05
C LEU B 102 -24.54 12.73 -12.88
N VAL B 103 -24.56 14.05 -13.10
CA VAL B 103 -24.29 14.98 -12.02
C VAL B 103 -25.56 15.63 -11.46
N GLN B 104 -25.75 15.52 -10.15
CA GLN B 104 -26.87 16.18 -9.46
C GLN B 104 -26.38 17.40 -8.68
N ARG B 105 -27.31 18.18 -8.15
CA ARG B 105 -26.97 19.32 -7.30
C ARG B 105 -26.34 18.90 -5.96
N ASN B 106 -25.58 19.80 -5.37
CA ASN B 106 -24.71 19.58 -4.21
C ASN B 106 -23.44 18.80 -4.59
N ASN B 107 -23.14 18.79 -5.89
CA ASN B 107 -21.94 18.16 -6.44
C ASN B 107 -21.95 16.63 -6.44
N LYS B 108 -23.04 16.02 -5.98
CA LYS B 108 -23.16 14.56 -5.94
C LYS B 108 -23.26 13.99 -7.36
N ARG B 109 -22.74 12.77 -7.55
CA ARG B 109 -22.79 12.10 -8.85
C ARG B 109 -23.34 10.67 -8.81
N THR B 110 -24.09 10.27 -9.84
CA THR B 110 -24.53 8.87 -9.97
C THR B 110 -23.96 8.22 -11.26
N GLN B 111 -23.44 7.01 -11.11
CA GLN B 111 -22.90 6.23 -12.22
C GLN B 111 -23.78 5.01 -12.50
N LYS B 112 -24.11 4.76 -13.75
CA LYS B 112 -24.95 3.60 -14.07
C LYS B 112 -24.56 2.93 -15.38
N THR B 113 -24.73 1.62 -15.44
CA THR B 113 -24.49 0.90 -16.69
C THR B 113 -25.76 1.05 -17.51
N LEU B 114 -25.61 1.66 -18.67
CA LEU B 114 -26.74 2.00 -19.54
C LEU B 114 -27.32 0.85 -20.34
N GLU B 115 -26.45 0.13 -21.03
CA GLU B 115 -26.85 -0.94 -21.93
C GLU B 115 -25.62 -1.69 -22.37
N GLY B 116 -25.75 -2.99 -22.60
CA GLY B 116 -24.67 -3.74 -23.19
C GLY B 116 -25.21 -4.52 -24.37
N SER B 117 -24.52 -4.47 -25.50
CA SER B 117 -24.94 -5.27 -26.65
C SER B 117 -23.77 -6.05 -27.27
N LEU B 118 -24.03 -7.32 -27.57
CA LEU B 118 -23.09 -8.14 -28.34
C LEU B 118 -23.72 -8.62 -29.64
N LEU B 119 -23.18 -8.20 -30.77
CA LEU B 119 -23.72 -8.59 -32.06
C LEU B 119 -22.69 -9.44 -32.79
N LEU B 120 -23.16 -10.12 -33.84
CA LEU B 120 -22.32 -10.99 -34.65
C LEU B 120 -22.15 -10.42 -36.05
N ARG B 121 -20.92 -10.35 -36.54
CA ARG B 121 -20.68 -9.87 -37.89
C ARG B 121 -20.49 -11.06 -38.83
N ASN B 122 -21.49 -11.28 -39.68
CA ASN B 122 -21.46 -12.38 -40.62
C ASN B 122 -22.11 -11.98 -41.94
N ASN B 123 -21.62 -12.51 -43.06
CA ASN B 123 -22.15 -12.15 -44.36
C ASN B 123 -22.21 -10.63 -44.48
N GLY B 124 -23.40 -10.13 -44.79
CA GLY B 124 -23.70 -8.71 -44.77
C GLY B 124 -24.56 -8.37 -43.58
N GLU B 125 -25.04 -9.39 -42.86
CA GLU B 125 -26.02 -9.16 -41.81
C GLU B 125 -25.41 -9.33 -40.42
N ARG B 126 -25.86 -8.53 -39.47
CA ARG B 126 -25.41 -8.66 -38.09
C ARG B 126 -26.57 -9.07 -37.18
N THR B 127 -26.32 -10.06 -36.32
CA THR B 127 -27.37 -10.53 -35.41
C THR B 127 -26.99 -10.36 -33.94
N VAL B 128 -27.92 -9.77 -33.18
CA VAL B 128 -27.74 -9.52 -31.77
C VAL B 128 -28.01 -10.77 -30.92
N ILE B 129 -27.00 -11.21 -30.18
CA ILE B 129 -27.12 -12.37 -29.30
C ILE B 129 -27.65 -12.00 -27.92
N SER B 130 -27.21 -10.86 -27.39
CA SER B 130 -27.68 -10.43 -26.08
C SER B 130 -27.62 -8.93 -25.84
N THR B 131 -28.59 -8.45 -25.05
CA THR B 131 -28.58 -7.09 -24.53
C THR B 131 -28.45 -7.16 -23.02
N ARG B 132 -28.34 -8.38 -22.50
CA ARG B 132 -28.18 -8.60 -21.06
C ARG B 132 -26.70 -8.67 -20.71
N VAL B 133 -26.30 -7.87 -19.72
CA VAL B 133 -24.91 -7.74 -19.34
C VAL B 133 -24.33 -9.04 -18.79
N ALA B 134 -25.06 -9.72 -17.92
CA ALA B 134 -24.58 -10.97 -17.30
C ALA B 134 -24.31 -12.02 -18.37
N GLU B 135 -25.19 -12.08 -19.38
CA GLU B 135 -24.98 -12.96 -20.52
C GLU B 135 -23.73 -12.58 -21.28
N LEU B 136 -23.49 -11.27 -21.41
CA LEU B 136 -22.37 -10.76 -22.19
C LEU B 136 -21.05 -11.31 -21.68
N ASP B 137 -20.85 -11.17 -20.38
CA ASP B 137 -19.61 -11.57 -19.72
C ASP B 137 -19.35 -13.05 -19.88
N LYS B 138 -20.38 -13.86 -19.63
CA LYS B 138 -20.26 -15.30 -19.77
C LYS B 138 -19.98 -15.68 -21.22
N LEU B 139 -20.70 -15.08 -22.16
CA LEU B 139 -20.56 -15.45 -23.56
C LEU B 139 -19.20 -15.06 -24.14
N VAL B 140 -18.75 -13.83 -23.88
CA VAL B 140 -17.49 -13.37 -24.45
C VAL B 140 -16.34 -14.24 -23.95
N SER B 141 -16.40 -14.64 -22.68
CA SER B 141 -15.41 -15.57 -22.15
C SER B 141 -15.50 -16.88 -22.94
N GLU B 142 -16.72 -17.35 -23.18
CA GLU B 142 -16.95 -18.56 -23.97
C GLU B 142 -16.53 -18.39 -25.43
N LYS B 143 -16.87 -17.25 -26.04
CA LYS B 143 -16.59 -17.01 -27.44
C LYS B 143 -15.10 -16.91 -27.73
N LEU B 144 -14.37 -16.30 -26.81
CA LEU B 144 -12.93 -16.13 -26.94
C LEU B 144 -12.19 -17.42 -26.63
N GLY B 145 -12.84 -18.32 -25.91
CA GLY B 145 -12.25 -19.60 -25.57
C GLY B 145 -11.43 -19.44 -24.31
N VAL B 146 -11.63 -18.31 -23.64
CA VAL B 146 -10.87 -17.98 -22.44
C VAL B 146 -11.77 -17.91 -21.21
N PRO B 147 -11.38 -18.56 -20.11
CA PRO B 147 -12.21 -18.43 -18.92
C PRO B 147 -12.23 -16.98 -18.43
N PRO B 148 -13.37 -16.53 -17.87
CA PRO B 148 -13.51 -15.14 -17.42
C PRO B 148 -12.50 -14.78 -16.33
N ALA B 149 -12.21 -15.71 -15.44
CA ALA B 149 -11.33 -15.45 -14.31
C ALA B 149 -9.91 -15.04 -14.73
N ILE B 150 -9.30 -15.77 -15.66
CA ILE B 150 -7.95 -15.45 -16.09
C ILE B 150 -7.88 -14.18 -16.96
N LEU B 151 -8.99 -13.82 -17.61
CA LEU B 151 -9.02 -12.56 -18.35
C LEU B 151 -8.76 -11.42 -17.39
N ASP B 152 -9.45 -11.46 -16.26
CA ASP B 152 -9.28 -10.48 -15.21
C ASP B 152 -7.91 -10.57 -14.55
N ALA B 153 -7.52 -11.79 -14.19
CA ALA B 153 -6.29 -12.04 -13.45
C ALA B 153 -5.01 -11.93 -14.28
N VAL B 154 -5.02 -12.47 -15.49
CA VAL B 154 -3.78 -12.70 -16.22
C VAL B 154 -3.65 -11.96 -17.54
N ILE B 155 -4.63 -12.11 -18.41
CA ILE B 155 -4.60 -11.47 -19.73
C ILE B 155 -4.57 -9.94 -19.63
N PHE B 156 -5.54 -9.38 -18.91
CA PHE B 156 -5.63 -7.93 -18.72
C PHE B 156 -5.49 -7.51 -17.26
N CYS B 157 -4.28 -7.67 -16.74
CA CYS B 157 -4.02 -7.33 -15.36
C CYS B 157 -3.77 -5.84 -15.23
N HIS B 158 -4.39 -5.23 -14.23
CA HIS B 158 -4.25 -3.79 -14.06
C HIS B 158 -2.84 -3.52 -13.55
N GLN B 159 -2.23 -2.46 -14.05
CA GLN B 159 -0.91 -2.04 -13.60
C GLN B 159 -0.84 -2.00 -12.08
N ASP B 160 -1.93 -1.61 -11.45
CA ASP B 160 -2.03 -1.55 -9.99
C ASP B 160 -2.04 -2.94 -9.33
N ASP B 161 -2.54 -3.94 -10.03
CA ASP B 161 -2.71 -5.27 -9.46
C ASP B 161 -1.66 -6.21 -10.04
N SER B 162 -0.73 -5.65 -10.80
CA SER B 162 0.22 -6.44 -11.57
C SER B 162 1.12 -7.31 -10.70
N LEU B 163 1.22 -6.98 -9.42
CA LEU B 163 2.05 -7.76 -8.48
C LEU B 163 1.28 -8.79 -7.65
N TRP B 164 0.03 -9.07 -7.98
CA TRP B 164 -0.78 -10.00 -7.16
C TRP B 164 -0.14 -11.38 -6.89
N PRO B 165 0.62 -11.97 -7.85
CA PRO B 165 1.22 -13.25 -7.48
C PRO B 165 2.19 -13.19 -6.29
N SER B 167 1.32 -11.35 -3.44
CA SER B 167 0.55 -10.93 -2.28
C SER B 167 0.55 -12.00 -1.19
N GLU B 168 0.05 -11.65 -0.02
CA GLU B 168 0.00 -12.57 1.13
C GLU B 168 -0.79 -13.83 0.81
N PRO B 169 -0.50 -14.94 1.51
CA PRO B 169 -1.04 -16.27 1.22
C PRO B 169 -2.56 -16.33 1.08
N ALA B 170 -3.28 -15.58 1.89
CA ALA B 170 -4.73 -15.62 1.83
C ALA B 170 -5.25 -15.13 0.49
N ALA B 171 -4.82 -13.94 0.09
CA ALA B 171 -5.25 -13.33 -1.17
C ALA B 171 -4.78 -14.13 -2.38
N LEU B 172 -3.56 -14.66 -2.28
CA LEU B 172 -2.98 -15.46 -3.34
C LEU B 172 -3.82 -16.72 -3.56
N LYS B 173 -4.27 -17.31 -2.47
CA LYS B 173 -5.12 -18.50 -2.52
C LYS B 173 -6.46 -18.18 -3.18
N LYS B 174 -6.97 -17.00 -2.89
CA LYS B 174 -8.26 -16.56 -3.42
C LYS B 174 -8.19 -16.47 -4.94
N ARG B 175 -7.08 -15.91 -5.43
CA ARG B 175 -6.88 -15.69 -6.85
C ARG B 175 -6.73 -17.00 -7.62
N PHE B 176 -5.99 -17.93 -7.05
CA PHE B 176 -5.76 -19.23 -7.69
C PHE B 176 -7.03 -20.07 -7.73
N ASP B 177 -7.80 -19.99 -6.65
CA ASP B 177 -9.07 -20.71 -6.56
C ASP B 177 -10.02 -20.20 -7.63
N GLU B 178 -9.97 -18.90 -7.87
CA GLU B 178 -10.80 -18.28 -8.87
C GLU B 178 -10.43 -18.84 -10.25
N ILE B 179 -9.14 -18.85 -10.51
CA ILE B 179 -8.58 -19.32 -11.78
C ILE B 179 -8.94 -20.78 -12.06
N PHE B 180 -8.96 -21.59 -11.02
CA PHE B 180 -9.16 -23.03 -11.17
C PHE B 180 -10.64 -23.44 -11.15
N GLU B 181 -11.52 -22.47 -10.89
CA GLU B 181 -12.95 -22.74 -10.83
C GLU B 181 -13.24 -23.83 -9.79
N ALA B 182 -12.45 -23.82 -8.72
CA ALA B 182 -12.49 -24.89 -7.73
C ALA B 182 -13.85 -24.99 -7.05
N GLN B 183 -14.44 -23.84 -6.77
CA GLN B 183 -15.70 -23.78 -6.03
C GLN B 183 -16.84 -24.42 -6.81
N LYS B 184 -16.90 -24.15 -8.12
CA LYS B 184 -17.97 -24.65 -8.96
C LYS B 184 -17.93 -26.17 -9.10
N TYR B 185 -16.72 -26.71 -9.24
CA TYR B 185 -16.54 -28.15 -9.31
C TYR B 185 -16.91 -28.84 -8.00
N THR B 186 -16.56 -28.23 -6.87
CA THR B 186 -16.96 -28.76 -5.58
C THR B 186 -18.49 -28.77 -5.46
N LYS B 187 -19.12 -27.71 -5.93
CA LYS B 187 -20.58 -27.65 -5.88
C LYS B 187 -21.26 -28.68 -6.76
N VAL B 188 -20.76 -28.89 -7.98
CA VAL B 188 -21.39 -29.85 -8.86
C VAL B 188 -21.29 -31.28 -8.32
N ILE B 189 -20.16 -31.62 -7.71
CA ILE B 189 -19.99 -32.95 -7.13
C ILE B 189 -20.91 -33.16 -5.94
N GLU B 190 -21.05 -32.14 -5.08
CA GLU B 190 -21.97 -32.22 -3.95
C GLU B 190 -23.38 -32.36 -4.47
N ASN B 191 -23.65 -31.68 -5.59
CA ASN B 191 -24.95 -31.70 -6.21
C ASN B 191 -25.35 -33.09 -6.70
N ILE B 192 -24.46 -33.76 -7.42
CA ILE B 192 -24.79 -35.07 -7.97
C ILE B 192 -25.03 -36.12 -6.87
N ARG B 193 -24.21 -36.09 -5.82
CA ARG B 193 -24.36 -37.07 -4.76
C ARG B 193 -25.74 -36.90 -4.09
N LEU B 194 -26.15 -35.67 -3.86
CA LEU B 194 -27.45 -35.40 -3.24
C LEU B 194 -28.55 -35.92 -4.15
N LEU B 195 -28.38 -35.71 -5.46
CA LEU B 195 -29.33 -36.21 -6.45
C LEU B 195 -29.39 -37.73 -6.44
N LYS B 196 -28.23 -38.36 -6.27
CA LYS B 196 -28.14 -39.82 -6.21
C LYS B 196 -28.94 -40.35 -5.02
N LYS B 197 -28.72 -39.73 -3.86
CA LYS B 197 -29.38 -40.12 -2.63
C LYS B 197 -30.86 -39.81 -2.70
N LYS B 198 -31.19 -38.72 -3.39
CA LYS B 198 -32.57 -38.32 -3.64
C LYS B 198 -33.34 -39.43 -4.34
N LYS B 199 -32.74 -39.97 -5.41
CA LYS B 199 -33.36 -41.06 -6.16
C LYS B 199 -33.35 -42.38 -5.39
N GLY B 200 -32.32 -42.59 -4.58
CA GLY B 200 -32.21 -43.77 -3.75
C GLY B 200 -33.37 -43.88 -2.78
N ASP B 201 -33.72 -42.76 -2.18
CA ASP B 201 -34.85 -42.69 -1.27
C ASP B 201 -36.14 -43.01 -2.00
N GLU B 202 -36.31 -42.45 -3.20
CA GLU B 202 -37.51 -42.66 -3.99
C GLU B 202 -37.69 -44.14 -4.34
N LEU B 203 -36.58 -44.82 -4.62
CA LEU B 203 -36.60 -46.25 -4.90
C LEU B 203 -37.16 -47.03 -3.71
N LYS B 249 -37.13 -52.34 -14.25
CA LYS B 249 -37.02 -51.20 -13.36
C LYS B 249 -35.88 -51.39 -12.37
N VAL B 250 -35.80 -52.61 -11.83
CA VAL B 250 -34.76 -52.97 -10.88
C VAL B 250 -33.39 -52.87 -11.52
N GLU B 251 -33.29 -53.35 -12.76
CA GLU B 251 -32.04 -53.31 -13.48
C GLU B 251 -31.62 -51.87 -13.71
N THR B 252 -32.60 -51.00 -13.95
CA THR B 252 -32.36 -49.57 -14.14
C THR B 252 -31.77 -48.90 -12.89
N THR B 253 -32.29 -49.29 -11.72
CA THR B 253 -31.80 -48.76 -10.45
C THR B 253 -30.37 -49.15 -10.12
N LYS B 254 -30.07 -50.46 -10.23
CA LYS B 254 -28.73 -50.99 -9.99
C LYS B 254 -27.81 -50.34 -11.00
N ALA B 255 -28.38 -50.08 -12.16
CA ALA B 255 -27.69 -49.43 -13.25
C ALA B 255 -27.32 -48.00 -12.95
N ALA B 256 -28.28 -47.29 -12.37
CA ALA B 256 -28.09 -45.90 -12.00
C ALA B 256 -27.04 -45.74 -10.91
N ILE B 257 -27.04 -46.64 -9.94
CA ILE B 257 -26.09 -46.55 -8.84
C ILE B 257 -24.66 -46.77 -9.34
N GLU B 258 -24.47 -47.69 -10.28
CA GLU B 258 -23.17 -47.92 -10.88
C GLU B 258 -22.68 -46.67 -11.62
N ASP B 259 -23.60 -46.06 -12.36
CA ASP B 259 -23.30 -44.85 -13.13
C ASP B 259 -22.93 -43.66 -12.24
N LEU B 260 -23.72 -43.47 -11.19
CA LEU B 260 -23.54 -42.34 -10.29
C LEU B 260 -22.22 -42.38 -9.52
N GLY B 261 -21.87 -43.57 -9.05
CA GLY B 261 -20.59 -43.76 -8.39
C GLY B 261 -19.46 -43.44 -9.35
N ARG B 262 -19.61 -43.89 -10.60
CA ARG B 262 -18.64 -43.63 -11.64
C ARG B 262 -18.50 -42.15 -11.97
N GLY B 263 -19.62 -41.44 -12.05
CA GLY B 263 -19.61 -40.04 -12.43
C GLY B 263 -18.95 -39.18 -11.37
N ALA B 265 -16.89 -40.19 -9.05
CA ALA B 265 -15.49 -40.57 -8.96
C ALA B 265 -14.67 -39.87 -10.05
N ALA B 266 -15.26 -39.79 -11.23
CA ALA B 266 -14.60 -39.16 -12.37
C ALA B 266 -14.35 -37.68 -12.09
N VAL B 267 -15.37 -36.99 -11.60
CA VAL B 267 -15.26 -35.57 -11.31
C VAL B 267 -14.19 -35.38 -10.26
N ASP B 268 -14.27 -36.18 -9.20
CA ASP B 268 -13.33 -36.08 -8.09
C ASP B 268 -11.91 -36.34 -8.60
N HIS B 269 -11.75 -37.37 -9.42
CA HIS B 269 -10.44 -37.75 -9.92
C HIS B 269 -9.93 -36.74 -10.96
N ALA B 270 -10.82 -36.31 -11.85
CA ALA B 270 -10.46 -35.38 -12.91
C ALA B 270 -9.99 -34.04 -12.35
N ILE B 271 -10.66 -33.56 -11.29
CA ILE B 271 -10.28 -32.31 -10.65
C ILE B 271 -8.85 -32.36 -10.14
N GLN B 273 -6.49 -34.43 -10.88
CA GLN B 273 -5.58 -34.69 -11.99
C GLN B 273 -5.37 -33.43 -12.79
N TYR B 274 -6.45 -32.67 -12.96
CA TYR B 274 -6.41 -31.40 -13.67
C TYR B 274 -5.51 -30.42 -12.93
N HIS B 275 -5.69 -30.34 -11.61
CA HIS B 275 -4.93 -29.40 -10.78
C HIS B 275 -3.45 -29.75 -10.80
N SER B 276 -3.15 -31.03 -10.58
CA SER B 276 -1.77 -31.51 -10.54
C SER B 276 -1.08 -31.32 -11.89
N LYS B 277 -1.80 -31.59 -12.98
CA LYS B 277 -1.25 -31.47 -14.32
C LYS B 277 -0.92 -30.02 -14.64
N GLU B 280 2.10 -28.53 -12.73
CA GLU B 280 3.42 -28.99 -13.17
C GLU B 280 3.87 -28.33 -14.46
N GLN B 281 2.98 -28.22 -15.45
CA GLN B 281 3.35 -27.56 -16.70
C GLN B 281 3.65 -26.08 -16.43
N ILE B 282 2.84 -25.45 -15.59
CA ILE B 282 3.03 -24.06 -15.24
C ILE B 282 4.40 -23.87 -14.61
N ASN B 283 4.70 -24.69 -13.62
CA ASN B 283 5.96 -24.61 -12.90
C ASN B 283 7.16 -24.80 -13.83
N ARG B 284 7.02 -25.68 -14.81
CA ARG B 284 8.08 -25.90 -15.79
C ARG B 284 8.27 -24.66 -16.67
N THR B 285 7.17 -24.01 -17.04
CA THR B 285 7.23 -22.79 -17.85
C THR B 285 7.91 -21.68 -17.06
N ILE B 286 7.54 -21.56 -15.80
CA ILE B 286 8.10 -20.57 -14.89
C ILE B 286 9.60 -20.76 -14.73
N ALA B 287 10.02 -22.01 -14.53
CA ALA B 287 11.41 -22.34 -14.28
C ALA B 287 12.26 -21.98 -15.48
N GLU B 288 11.76 -22.32 -16.65
CA GLU B 288 12.43 -22.04 -17.92
C GLU B 288 12.62 -20.57 -18.15
N LEU B 289 11.54 -19.82 -17.96
CA LEU B 289 11.55 -18.39 -18.22
C LEU B 289 12.49 -17.69 -17.26
N TRP B 290 12.38 -18.00 -15.97
CA TRP B 290 13.23 -17.36 -14.97
C TRP B 290 14.69 -17.63 -15.24
N GLN B 291 15.00 -18.83 -15.70
CA GLN B 291 16.37 -19.20 -16.00
C GLN B 291 16.90 -18.43 -17.20
N SER B 292 16.10 -18.36 -18.25
CA SER B 292 16.50 -17.65 -19.46
C SER B 292 16.62 -16.16 -19.17
N THR B 293 15.70 -15.63 -18.36
CA THR B 293 15.55 -14.19 -18.23
C THR B 293 16.37 -13.59 -17.11
N TYR B 294 16.17 -14.08 -15.89
CA TYR B 294 16.72 -13.41 -14.74
C TYR B 294 18.24 -13.45 -14.71
N GLN B 295 18.83 -12.28 -14.92
CA GLN B 295 20.26 -12.06 -14.74
C GLN B 295 20.53 -12.16 -13.26
N GLY B 296 21.80 -12.19 -12.87
CA GLY B 296 22.09 -12.30 -11.45
C GLY B 296 22.04 -13.74 -10.98
N THR B 297 22.90 -14.07 -10.03
CA THR B 297 23.14 -15.44 -9.65
C THR B 297 22.56 -15.79 -8.28
N ASP B 298 21.94 -14.81 -7.62
CA ASP B 298 21.38 -14.97 -6.28
C ASP B 298 20.30 -16.06 -6.21
N ILE B 299 19.50 -16.20 -7.26
CA ILE B 299 18.37 -17.13 -7.26
C ILE B 299 18.46 -18.03 -8.47
N ASP B 300 18.36 -19.34 -8.24
CA ASP B 300 18.44 -20.31 -9.34
C ASP B 300 17.12 -20.49 -10.04
N THR B 301 16.08 -20.74 -9.28
CA THR B 301 14.77 -20.84 -9.89
C THR B 301 13.64 -20.46 -8.94
N ILE B 302 12.46 -20.34 -9.52
CA ILE B 302 11.26 -19.98 -8.81
C ILE B 302 10.16 -21.01 -9.08
N GLN B 303 9.52 -21.46 -8.01
CA GLN B 303 8.47 -22.45 -8.14
C GLN B 303 7.24 -22.07 -7.34
N ILE B 304 6.06 -22.35 -7.89
CA ILE B 304 4.86 -22.25 -7.08
C ILE B 304 4.65 -23.58 -6.38
N ARG B 305 4.50 -23.51 -5.07
CA ARG B 305 4.23 -24.68 -4.26
C ARG B 305 2.76 -24.66 -3.89
N SER B 306 2.12 -25.82 -4.05
CA SER B 306 0.73 -25.96 -3.72
C SER B 306 0.59 -27.00 -2.63
N ASP B 307 -0.22 -26.68 -1.62
CA ASP B 307 -0.36 -27.52 -0.44
C ASP B 307 -1.82 -27.91 -0.27
N VAL B 308 -2.04 -29.14 0.19
CA VAL B 308 -3.39 -29.67 0.24
C VAL B 308 -3.87 -29.97 1.65
N GLU B 309 -5.17 -29.77 1.83
CA GLU B 309 -5.86 -30.30 2.99
C GLU B 309 -6.85 -31.25 2.36
N SER B 310 -6.85 -32.50 2.81
CA SER B 310 -7.69 -33.52 2.20
C SER B 310 -8.77 -33.99 3.14
N THR B 311 -10.00 -34.05 2.65
CA THR B 311 -11.08 -34.60 3.44
C THR B 311 -11.41 -35.95 2.84
N THR B 312 -11.64 -36.94 3.69
CA THR B 312 -11.90 -38.27 3.21
C THR B 312 -13.33 -38.69 3.50
N SER B 313 -14.05 -39.12 2.46
CA SER B 313 -15.40 -39.61 2.64
C SER B 313 -15.69 -40.75 1.67
N SER B 314 -16.48 -41.71 2.10
CA SER B 314 -16.96 -42.76 1.20
C SER B 314 -18.16 -42.22 0.42
N ASP B 315 -18.94 -41.39 1.10
CA ASP B 315 -20.16 -40.84 0.52
C ASP B 315 -19.87 -39.64 -0.38
N SER B 316 -18.85 -38.87 -0.01
CA SER B 316 -18.56 -37.59 -0.67
C SER B 316 -17.28 -37.62 -1.50
N GLY B 317 -16.64 -38.78 -1.57
CA GLY B 317 -15.36 -38.89 -2.24
C GLY B 317 -14.29 -38.13 -1.48
N THR B 318 -13.52 -37.32 -2.20
CA THR B 318 -12.47 -36.52 -1.56
C THR B 318 -12.66 -35.03 -1.83
N ARG B 319 -12.43 -34.23 -0.79
CA ARG B 319 -12.55 -32.79 -0.93
C ARG B 319 -11.14 -32.23 -0.75
N ARG B 320 -10.72 -31.36 -1.65
CA ARG B 320 -9.37 -30.80 -1.56
C ARG B 320 -9.29 -29.29 -1.41
N ASN B 321 -8.52 -28.86 -0.41
CA ASN B 321 -8.27 -27.45 -0.17
C ASN B 321 -6.83 -27.11 -0.48
N TYR B 322 -6.63 -26.06 -1.27
CA TYR B 322 -5.28 -25.72 -1.73
C TYR B 322 -4.75 -24.45 -1.09
N ASN B 323 -3.50 -24.52 -0.66
CA ASN B 323 -2.79 -23.36 -0.12
C ASN B 323 -1.60 -23.10 -1.04
N TYR B 324 -1.46 -21.89 -1.53
CA TYR B 324 -0.42 -21.60 -2.53
C TYR B 324 0.64 -20.68 -1.96
N ARG B 325 1.89 -20.90 -2.33
CA ARG B 325 2.97 -19.99 -1.97
C ARG B 325 4.08 -20.03 -3.04
N VAL B 326 4.69 -18.87 -3.29
CA VAL B 326 5.77 -18.80 -4.26
C VAL B 326 7.10 -18.89 -3.53
N SER B 327 8.00 -19.74 -4.00
CA SER B 327 9.24 -19.99 -3.28
C SER B 327 10.48 -19.82 -4.15
N VAL B 329 14.64 -20.60 -4.75
CA VAL B 329 15.66 -21.57 -4.41
C VAL B 329 17.03 -20.96 -4.70
N LYS B 330 17.88 -20.99 -3.67
CA LYS B 330 19.29 -20.66 -3.78
C LYS B 330 20.09 -21.88 -3.36
N GLY B 331 20.91 -22.37 -4.29
CA GLY B 331 21.67 -23.57 -4.04
C GLY B 331 20.70 -24.70 -3.78
N ASP B 332 20.82 -25.33 -2.61
CA ASP B 332 19.93 -26.41 -2.22
C ASP B 332 18.67 -25.92 -1.48
N THR B 333 18.71 -24.69 -0.98
CA THR B 333 17.63 -24.14 -0.17
C THR B 333 16.40 -23.61 -0.90
N GLU B 334 15.22 -23.95 -0.40
CA GLU B 334 13.97 -23.34 -0.84
C GLU B 334 13.39 -22.42 0.23
N ASP B 336 10.36 -19.15 1.03
CA ASP B 336 9.19 -18.41 0.56
C ASP B 336 9.56 -16.97 0.20
N ARG B 338 7.59 -14.23 -0.40
CA ARG B 338 6.83 -13.19 0.29
C ARG B 338 7.58 -12.71 1.52
N GLY B 339 7.86 -11.42 1.55
CA GLY B 339 8.64 -10.83 2.62
C GLY B 339 10.14 -10.94 2.41
N ARG B 340 10.56 -11.66 1.37
CA ARG B 340 11.98 -11.91 1.17
C ARG B 340 12.55 -11.51 -0.19
N CYS B 341 11.76 -10.88 -1.06
CA CYS B 341 12.31 -10.59 -2.38
C CYS B 341 12.37 -9.12 -2.69
N SER B 342 13.32 -8.79 -3.54
CA SER B 342 13.56 -7.46 -4.06
C SER B 342 12.43 -6.93 -4.94
N ALA B 343 12.41 -5.61 -5.16
CA ALA B 343 11.39 -4.99 -6.00
C ALA B 343 11.49 -5.46 -7.46
N GLY B 344 12.70 -5.44 -8.00
CA GLY B 344 12.94 -5.95 -9.34
C GLY B 344 12.60 -7.43 -9.47
N GLN B 345 12.90 -8.20 -8.42
CA GLN B 345 12.54 -9.60 -8.38
C GLN B 345 11.03 -9.80 -8.35
N LYS B 346 10.34 -8.95 -7.58
CA LYS B 346 8.88 -8.99 -7.47
C LYS B 346 8.19 -8.79 -8.82
N VAL B 347 8.61 -7.74 -9.53
CA VAL B 347 8.01 -7.40 -10.82
C VAL B 347 8.26 -8.53 -11.82
N LEU B 348 9.52 -8.93 -11.93
CA LEU B 348 9.93 -9.96 -12.88
C LEU B 348 9.25 -11.29 -12.61
N ALA B 349 9.24 -11.73 -11.37
CA ALA B 349 8.61 -12.99 -11.01
C ALA B 349 7.11 -12.92 -11.30
N SER B 350 6.50 -11.78 -11.01
CA SER B 350 5.07 -11.62 -11.27
C SER B 350 4.74 -11.72 -12.75
N ILE B 351 5.53 -11.08 -13.59
CA ILE B 351 5.33 -11.17 -15.04
C ILE B 351 5.45 -12.61 -15.53
N ILE B 352 6.50 -13.29 -15.07
CA ILE B 352 6.78 -14.67 -15.47
C ILE B 352 5.63 -15.61 -15.06
N ILE B 353 5.12 -15.45 -13.85
CA ILE B 353 3.98 -16.23 -13.38
C ILE B 353 2.76 -15.96 -14.26
N ARG B 354 2.55 -14.69 -14.62
CA ARG B 354 1.43 -14.32 -15.50
C ARG B 354 1.57 -14.98 -16.88
N LEU B 355 2.76 -14.95 -17.46
CA LEU B 355 2.99 -15.56 -18.78
C LEU B 355 2.75 -17.06 -18.76
N ALA B 356 3.29 -17.73 -17.74
CA ALA B 356 3.16 -19.17 -17.60
C ALA B 356 1.70 -19.54 -17.44
N LEU B 357 1.00 -18.79 -16.60
CA LEU B 357 -0.41 -19.04 -16.33
C LEU B 357 -1.21 -18.95 -17.62
N ALA B 358 -0.93 -17.91 -18.40
CA ALA B 358 -1.66 -17.65 -19.64
C ALA B 358 -1.44 -18.79 -20.60
N GLU B 359 -0.18 -19.17 -20.79
CA GLU B 359 0.17 -20.26 -21.70
C GLU B 359 -0.55 -21.58 -21.36
N SER B 360 -0.43 -22.00 -20.10
CA SER B 360 -1.02 -23.25 -19.65
C SER B 360 -2.54 -23.24 -19.51
N PHE B 361 -3.08 -22.24 -18.83
CA PHE B 361 -4.53 -22.16 -18.60
C PHE B 361 -5.36 -21.75 -19.80
N CYS B 362 -4.94 -20.69 -20.48
CA CYS B 362 -5.74 -20.15 -21.55
C CYS B 362 -5.68 -21.05 -22.76
N ALA B 363 -6.75 -21.03 -23.55
CA ALA B 363 -6.77 -21.74 -24.82
C ALA B 363 -5.66 -21.17 -25.66
N ASN B 364 -5.01 -22.00 -26.47
CA ASN B 364 -3.77 -21.55 -27.08
C ASN B 364 -4.04 -20.47 -28.11
N CYS B 365 -4.44 -19.32 -27.58
CA CYS B 365 -4.51 -18.06 -28.31
C CYS B 365 -3.58 -17.12 -27.56
N GLY B 366 -2.59 -16.59 -28.27
CA GLY B 366 -1.55 -15.82 -27.63
C GLY B 366 -1.93 -14.42 -27.23
N LEU B 367 -2.97 -14.26 -26.43
CA LEU B 367 -3.41 -12.93 -26.02
C LEU B 367 -2.95 -12.61 -24.60
N ILE B 368 -2.14 -11.57 -24.47
CA ILE B 368 -1.80 -11.01 -23.16
C ILE B 368 -1.42 -9.53 -23.33
N ALA B 369 -1.69 -8.72 -22.30
CA ALA B 369 -1.35 -7.30 -22.32
C ALA B 369 -0.42 -6.95 -21.17
N LEU B 370 0.72 -6.33 -21.49
CA LEU B 370 1.69 -5.99 -20.46
C LEU B 370 1.86 -4.50 -20.32
N ASP B 371 1.54 -3.98 -19.14
CA ASP B 371 1.59 -2.55 -18.91
C ASP B 371 2.86 -2.21 -18.14
N GLU B 372 3.83 -1.64 -18.86
CA GLU B 372 5.11 -1.23 -18.32
C GLU B 372 5.83 -2.38 -17.65
N PRO B 373 6.22 -3.40 -18.42
CA PRO B 373 6.94 -4.55 -17.87
C PRO B 373 8.29 -4.19 -17.24
N THR B 374 8.86 -3.07 -17.69
CA THR B 374 10.21 -2.69 -17.29
C THR B 374 10.32 -2.09 -15.89
N THR B 375 9.19 -2.05 -15.16
CA THR B 375 9.14 -1.42 -13.83
C THR B 375 10.18 -1.96 -12.84
N ASN B 376 11.00 -1.06 -12.31
CA ASN B 376 12.02 -1.37 -11.32
C ASN B 376 13.10 -2.36 -11.78
N LEU B 377 13.25 -2.54 -13.08
CA LEU B 377 14.24 -3.49 -13.57
C LEU B 377 15.48 -2.75 -14.02
N ASP B 378 16.64 -3.33 -13.75
CA ASP B 378 17.93 -2.72 -14.08
C ASP B 378 18.26 -2.89 -15.55
N SER B 379 19.41 -2.36 -15.95
CA SER B 379 19.81 -2.38 -17.35
C SER B 379 19.82 -3.80 -17.93
N ASP B 380 20.44 -4.73 -17.22
CA ASP B 380 20.59 -6.08 -17.73
C ASP B 380 19.26 -6.80 -17.84
N ASN B 381 18.45 -6.72 -16.78
CA ASN B 381 17.15 -7.40 -16.73
C ASN B 381 16.13 -6.90 -17.75
N ILE B 382 16.22 -5.62 -18.10
CA ILE B 382 15.32 -5.06 -19.10
C ILE B 382 15.58 -5.71 -20.46
N ARG B 383 16.84 -5.72 -20.86
CA ARG B 383 17.27 -6.33 -22.10
C ARG B 383 16.86 -7.80 -22.14
N SER B 384 17.13 -8.50 -21.03
CA SER B 384 16.81 -9.92 -20.91
C SER B 384 15.33 -10.20 -21.10
N LEU B 385 14.48 -9.38 -20.50
CA LEU B 385 13.03 -9.55 -20.65
C LEU B 385 12.63 -9.37 -22.09
N ALA B 386 13.18 -8.34 -22.72
CA ALA B 386 12.87 -8.06 -24.11
C ALA B 386 13.25 -9.25 -24.96
N GLU B 387 14.45 -9.77 -24.73
CA GLU B 387 14.95 -10.91 -25.49
C GLU B 387 14.07 -12.15 -25.27
N SER B 388 13.66 -12.36 -24.03
CA SER B 388 12.79 -13.48 -23.71
C SER B 388 11.47 -13.31 -24.41
N LEU B 389 10.94 -12.09 -24.40
CA LEU B 389 9.68 -11.78 -25.07
C LEU B 389 9.78 -12.05 -26.56
N HIS B 390 10.87 -11.57 -27.16
CA HIS B 390 11.10 -11.74 -28.58
C HIS B 390 11.17 -13.23 -28.93
N GLY B 391 11.78 -14.00 -28.05
CA GLY B 391 11.90 -15.43 -28.22
C GLY B 391 10.53 -16.10 -28.18
N ILE B 392 9.72 -15.66 -27.25
CA ILE B 392 8.36 -16.16 -27.09
C ILE B 392 7.51 -15.89 -28.32
N ILE B 393 7.72 -14.71 -28.90
CA ILE B 393 7.02 -14.35 -30.13
C ILE B 393 7.44 -15.25 -31.29
N LYS B 394 8.74 -15.50 -31.42
CA LYS B 394 9.24 -16.30 -32.53
C LYS B 394 8.81 -17.76 -32.43
N ALA B 395 8.85 -18.29 -31.20
CA ALA B 395 8.45 -19.67 -30.98
C ALA B 395 6.96 -19.87 -31.26
N ARG B 396 6.15 -18.96 -30.75
CA ARG B 396 4.70 -19.08 -30.84
C ARG B 396 4.07 -18.45 -32.07
N GLN B 397 4.87 -17.83 -32.93
CA GLN B 397 4.35 -17.15 -34.12
C GLN B 397 3.87 -18.14 -35.17
N ALA B 398 4.61 -19.23 -35.35
CA ALA B 398 4.34 -20.22 -36.39
C ALA B 398 2.89 -20.67 -36.39
N GLN B 399 2.35 -20.90 -35.20
CA GLN B 399 0.94 -21.26 -35.01
C GLN B 399 0.04 -20.23 -35.69
N GLY B 400 0.44 -18.96 -35.60
CA GLY B 400 -0.25 -17.88 -36.26
C GLY B 400 -1.17 -17.01 -35.41
N ASN B 401 -1.65 -17.50 -34.27
CA ASN B 401 -2.46 -16.65 -33.42
C ASN B 401 -1.82 -16.28 -32.08
N LEU B 402 -1.13 -15.15 -32.10
CA LEU B 402 -0.52 -14.55 -30.92
C LEU B 402 -0.93 -13.08 -30.98
N GLN B 403 -1.49 -12.57 -29.89
CA GLN B 403 -1.66 -11.12 -29.79
C GLN B 403 -1.06 -10.60 -28.49
N LEU B 404 0.07 -9.93 -28.63
CA LEU B 404 0.83 -9.43 -27.49
C LEU B 404 0.79 -7.92 -27.50
N ILE B 405 0.40 -7.35 -26.37
CA ILE B 405 0.37 -5.90 -26.28
C ILE B 405 1.35 -5.45 -25.23
N VAL B 406 2.27 -4.57 -25.62
CA VAL B 406 3.21 -4.02 -24.67
C VAL B 406 3.11 -2.50 -24.60
N ILE B 407 2.89 -2.02 -23.38
CA ILE B 407 2.83 -0.59 -23.08
C ILE B 407 4.11 -0.14 -22.40
N THR B 408 4.76 0.88 -22.95
CA THR B 408 6.00 1.36 -22.33
C THR B 408 6.32 2.81 -22.63
N HIS B 409 7.17 3.38 -21.79
CA HIS B 409 7.72 4.72 -21.96
C HIS B 409 9.23 4.65 -21.90
N ASP B 410 9.76 3.44 -22.03
CA ASP B 410 11.19 3.17 -21.80
C ASP B 410 11.94 2.93 -23.11
N GLU B 411 13.02 3.68 -23.32
CA GLU B 411 13.76 3.66 -24.58
C GLU B 411 14.52 2.38 -24.92
N GLU B 412 15.28 1.84 -23.98
CA GLU B 412 16.09 0.66 -24.27
C GLU B 412 15.20 -0.53 -24.59
N PHE B 413 14.20 -0.75 -23.74
CA PHE B 413 13.28 -1.87 -23.92
C PHE B 413 12.50 -1.74 -25.23
N LEU B 414 12.05 -0.54 -25.54
CA LEU B 414 11.29 -0.29 -26.76
C LEU B 414 12.11 -0.69 -27.98
N LYS B 415 13.39 -0.34 -27.98
CA LYS B 415 14.28 -0.59 -29.11
C LYS B 415 14.46 -2.06 -29.46
N TYR B 416 14.72 -2.91 -28.46
CA TYR B 416 14.97 -4.33 -28.72
C TYR B 416 13.78 -5.02 -29.38
N GLN B 418 11.43 -3.37 -31.18
CA GLN B 418 10.80 -2.55 -32.20
C GLN B 418 11.02 -2.97 -33.66
N CYS B 419 12.27 -3.12 -34.07
CA CYS B 419 12.56 -3.29 -35.49
C CYS B 419 12.55 -4.74 -35.97
N SER B 420 13.25 -5.60 -35.22
CA SER B 420 13.46 -7.00 -35.57
C SER B 420 12.13 -7.73 -35.73
N ASP B 421 11.19 -7.45 -34.84
CA ASP B 421 9.88 -8.07 -34.88
C ASP B 421 9.22 -7.65 -36.18
N PHE B 422 8.27 -8.45 -36.64
CA PHE B 422 7.60 -8.21 -37.91
C PHE B 422 6.68 -7.00 -37.89
N CYS B 423 6.51 -6.39 -36.72
CA CYS B 423 5.74 -5.15 -36.59
C CYS B 423 6.10 -4.06 -37.60
N ASP B 424 5.09 -3.62 -38.34
CA ASP B 424 5.24 -2.62 -39.38
C ASP B 424 4.78 -1.27 -38.86
N ASP B 425 4.16 -1.30 -37.68
CA ASP B 425 3.50 -0.13 -37.10
C ASP B 425 3.52 -0.13 -35.58
N PHE B 426 3.34 1.02 -34.97
CA PHE B 426 3.09 1.09 -33.54
C PHE B 426 2.22 2.29 -33.22
N TYR B 427 1.72 2.36 -31.99
CA TYR B 427 0.81 3.41 -31.59
C TYR B 427 1.43 4.29 -30.50
N ARG B 428 1.36 5.60 -30.70
CA ARG B 428 1.78 6.58 -29.71
C ARG B 428 0.56 7.30 -29.14
N VAL B 429 0.55 7.52 -27.82
CA VAL B 429 -0.55 8.23 -27.17
C VAL B 429 -0.09 9.59 -26.65
N LYS B 430 -0.65 10.65 -27.23
CA LYS B 430 -0.31 12.02 -26.86
C LYS B 430 -1.52 12.74 -26.28
N ARG B 431 -1.28 13.84 -25.59
CA ARG B 431 -2.36 14.72 -25.14
C ARG B 431 -2.48 15.91 -26.07
N ASP B 432 -3.69 16.18 -26.55
CA ASP B 432 -3.96 17.35 -27.36
C ASP B 432 -4.05 18.62 -26.48
N GLU B 433 -4.22 19.78 -27.11
CA GLU B 433 -4.36 21.07 -26.41
C GLU B 433 -5.55 21.16 -25.44
N LYS B 434 -6.67 20.53 -25.79
CA LYS B 434 -7.78 20.41 -24.84
C LYS B 434 -7.44 19.40 -23.73
N GLN B 435 -6.20 18.91 -23.77
CA GLN B 435 -5.67 17.92 -22.83
C GLN B 435 -6.44 16.61 -22.87
N ASN B 436 -7.01 16.33 -24.03
CA ASN B 436 -7.62 15.03 -24.27
C ASN B 436 -6.58 14.13 -24.92
N SER B 437 -6.68 12.84 -24.67
CA SER B 437 -5.70 11.91 -25.23
C SER B 437 -6.04 11.54 -26.67
N VAL B 438 -5.04 11.59 -27.53
CA VAL B 438 -5.22 11.16 -28.91
C VAL B 438 -4.34 9.94 -29.20
N ILE B 439 -4.76 9.12 -30.16
CA ILE B 439 -4.02 7.93 -30.56
C ILE B 439 -3.42 8.12 -31.93
N VAL B 440 -2.10 8.05 -32.00
CA VAL B 440 -1.39 8.25 -33.27
C VAL B 440 -0.67 6.97 -33.71
N ARG B 441 -0.82 6.60 -34.98
CA ARG B 441 -0.14 5.42 -35.50
C ARG B 441 1.11 5.81 -36.28
N GLU B 442 2.26 5.33 -35.83
CA GLU B 442 3.52 5.63 -36.48
C GLU B 442 4.09 4.43 -37.25
N SER B 443 4.40 4.64 -38.52
CA SER B 443 5.11 3.65 -39.32
C SER B 443 6.60 3.77 -39.04
N ILE B 444 7.24 2.66 -38.72
CA ILE B 444 8.67 2.68 -38.40
C ILE B 444 9.50 2.94 -39.65
N THR B 445 9.00 2.48 -40.79
CA THR B 445 9.60 2.76 -42.08
C THR B 445 9.86 4.26 -42.26
N ARG B 446 8.83 5.05 -41.95
CA ARG B 446 8.93 6.49 -41.98
C ARG B 446 7.86 7.12 -41.07
N SER C 3 10.03 27.42 12.16
CA SER C 3 10.48 27.27 13.54
C SER C 3 9.36 27.58 14.53
N ILE C 4 8.19 27.03 14.26
CA ILE C 4 7.04 27.19 15.14
C ILE C 4 6.54 25.84 15.63
N SER C 5 5.95 25.82 16.82
CA SER C 5 5.46 24.58 17.39
C SER C 5 4.25 24.82 18.29
N VAL C 6 3.49 23.76 18.54
CA VAL C 6 2.32 23.82 19.39
C VAL C 6 2.63 24.44 20.75
N ASP C 7 3.68 23.92 21.39
CA ASP C 7 4.11 24.41 22.69
C ASP C 7 4.41 25.90 22.70
N ALA C 8 4.92 26.41 21.59
CA ALA C 8 5.20 27.83 21.46
C ALA C 8 3.92 28.61 21.22
N LEU C 9 2.95 27.94 20.61
CA LEU C 9 1.69 28.57 20.26
C LEU C 9 0.73 28.67 21.45
N VAL C 10 0.87 27.75 22.40
CA VAL C 10 0.04 27.79 23.60
C VAL C 10 0.49 28.93 24.50
N GLN C 11 1.79 29.24 24.45
CA GLN C 11 2.36 30.31 25.25
C GLN C 11 1.86 31.67 24.77
N GLU C 12 1.88 31.87 23.47
CA GLU C 12 1.41 33.12 22.87
C GLU C 12 -0.06 33.38 23.19
N PHE C 13 -0.86 32.31 23.15
CA PHE C 13 -2.27 32.39 23.51
C PHE C 13 -2.42 32.85 24.95
N PHE C 14 -1.61 32.27 25.84
CA PHE C 14 -1.64 32.60 27.26
C PHE C 14 -1.21 34.04 27.50
N ALA C 15 -0.23 34.51 26.73
CA ALA C 15 0.22 35.89 26.85
C ALA C 15 -0.90 36.84 26.41
N GLN C 16 -1.72 36.37 25.46
CA GLN C 16 -2.88 37.13 25.03
C GLN C 16 -3.95 37.14 26.12
N GLN C 17 -4.24 35.96 26.68
CA GLN C 17 -5.25 35.83 27.72
C GLN C 17 -4.67 35.18 28.97
N SER C 18 -3.98 35.98 29.78
CA SER C 18 -3.21 35.48 30.93
C SER C 18 -4.06 34.86 32.03
N LEU C 19 -3.54 33.78 32.62
CA LEU C 19 -4.20 33.10 33.72
C LEU C 19 -3.74 33.63 35.07
N LYS C 20 -4.48 33.32 36.12
CA LYS C 20 -4.31 34.03 37.38
C LYS C 20 -3.62 33.27 38.51
N ILE C 21 -3.80 31.96 38.59
CA ILE C 21 -3.24 31.19 39.70
C ILE C 21 -2.30 30.08 39.24
N LEU C 22 -2.24 29.86 37.93
CA LEU C 22 -1.39 28.81 37.37
C LEU C 22 -0.23 29.36 36.56
N PRO C 23 1.01 29.00 36.96
CA PRO C 23 2.17 29.40 36.17
C PRO C 23 2.06 28.84 34.75
N GLN C 24 2.47 29.62 33.76
CA GLN C 24 2.17 29.29 32.37
C GLN C 24 3.25 28.46 31.71
N ALA C 25 4.50 28.73 32.06
CA ALA C 25 5.61 27.90 31.57
C ALA C 25 5.46 26.46 32.04
N PRO C 26 5.25 26.23 33.36
CA PRO C 26 5.14 24.83 33.78
C PRO C 26 3.91 24.13 33.22
N PHE C 27 2.87 24.90 32.91
CA PHE C 27 1.66 24.32 32.34
C PHE C 27 1.94 23.77 30.95
N GLY C 28 2.74 24.50 30.18
CA GLY C 28 3.12 24.09 28.85
C GLY C 28 4.14 22.97 28.84
N ASP C 29 5.02 22.97 29.83
CA ASP C 29 5.99 21.90 29.99
C ASP C 29 5.27 20.60 30.34
N ALA C 30 4.26 20.72 31.20
CA ALA C 30 3.49 19.58 31.67
C ALA C 30 2.75 18.88 30.52
N VAL C 31 2.14 19.67 29.64
CA VAL C 31 1.44 19.08 28.50
C VAL C 31 2.44 18.48 27.53
N ASN C 32 3.63 19.06 27.46
CA ASN C 32 4.69 18.53 26.62
C ASN C 32 5.18 17.19 27.16
N GLN C 33 5.35 17.12 28.48
CA GLN C 33 5.78 15.89 29.11
C GLN C 33 4.74 14.80 28.94
N PHE C 34 3.47 15.15 29.06
CA PHE C 34 2.41 14.15 28.88
C PHE C 34 2.39 13.57 27.48
N VAL C 35 2.65 14.42 26.49
CA VAL C 35 2.58 13.98 25.10
C VAL C 35 3.90 13.32 24.66
N SER C 36 5.02 13.85 25.15
CA SER C 36 6.33 13.32 24.78
C SER C 36 6.76 12.16 25.69
N LYS C 37 6.85 12.42 26.99
CA LYS C 37 7.22 11.37 27.94
C LYS C 37 6.03 10.46 28.26
N ASP C 38 4.93 10.67 27.53
CA ASP C 38 3.78 9.76 27.53
C ASP C 38 3.13 9.55 28.90
N ASP C 39 3.63 10.23 29.93
CA ASP C 39 3.16 9.98 31.29
C ASP C 39 1.88 10.76 31.60
N LYS C 40 0.88 10.04 32.11
CA LYS C 40 -0.48 10.56 32.16
C LYS C 40 -0.76 11.51 33.31
N HIS C 41 -0.04 11.38 34.42
CA HIS C 41 -0.38 12.13 35.62
C HIS C 41 0.56 13.30 35.90
N ALA C 42 1.35 13.68 34.92
CA ALA C 42 2.28 14.81 35.06
C ALA C 42 1.54 16.13 35.23
N VAL C 43 0.47 16.30 34.46
CA VAL C 43 -0.27 17.55 34.47
C VAL C 43 -1.08 17.71 35.76
N GLU C 44 -1.61 16.60 36.28
CA GLU C 44 -2.40 16.61 37.49
C GLU C 44 -1.51 16.84 38.70
N PHE C 46 1.28 18.47 38.65
CA PHE C 46 1.69 19.87 38.58
C PHE C 46 0.64 20.80 39.17
N VAL C 47 -0.61 20.64 38.73
CA VAL C 47 -1.71 21.46 39.22
C VAL C 47 -1.84 21.33 40.73
N ASP C 49 0.32 20.44 42.91
CA ASP C 49 1.46 21.04 43.58
C ASP C 49 1.29 22.55 43.66
N SER C 50 0.93 23.14 42.51
CA SER C 50 0.78 24.59 42.40
C SER C 50 -0.27 25.12 43.36
N LEU C 51 -1.34 24.35 43.52
CA LEU C 51 -2.41 24.74 44.43
C LEU C 51 -1.97 24.61 45.88
N SER C 52 -1.24 23.55 46.18
CA SER C 52 -0.75 23.31 47.54
C SER C 52 0.25 24.38 47.96
N SER C 53 1.10 24.78 47.03
CA SER C 53 2.05 25.85 47.29
C SER C 53 1.33 27.16 47.52
N GLN C 54 0.37 27.45 46.65
CA GLN C 54 -0.44 28.65 46.76
C GLN C 54 -1.18 28.70 48.10
N VAL C 55 -1.89 27.62 48.43
CA VAL C 55 -2.69 27.60 49.65
C VAL C 55 -1.81 27.75 50.90
N ARG C 56 -0.58 27.23 50.85
CA ARG C 56 0.32 27.36 51.99
C ARG C 56 0.73 28.80 52.22
N GLY C 57 1.14 29.47 51.16
CA GLY C 57 1.51 30.87 51.24
C GLY C 57 0.36 31.74 51.71
N LEU C 58 -0.84 31.44 51.23
CA LEU C 58 -2.02 32.20 51.60
C LEU C 58 -2.37 32.03 53.08
N LEU C 59 -2.17 30.82 53.60
CA LEU C 59 -2.40 30.55 55.01
C LEU C 59 -1.43 31.34 55.88
N GLN C 60 -0.20 31.53 55.38
CA GLN C 60 0.82 32.28 56.10
C GLN C 60 0.47 33.76 56.20
N LEU C 61 -0.30 34.25 55.23
CA LEU C 61 -0.58 35.68 55.13
C LEU C 61 -1.35 36.24 56.31
N ASP C 62 -1.11 37.51 56.60
CA ASP C 62 -1.76 38.19 57.72
C ASP C 62 -3.19 38.59 57.38
N ASP C 63 -4.01 38.77 58.41
CA ASP C 63 -5.45 38.97 58.26
C ASP C 63 -5.81 40.26 57.52
N ASP C 64 -5.14 41.35 57.85
CA ASP C 64 -5.40 42.62 57.19
C ASP C 64 -5.17 42.49 55.69
N LYS C 65 -4.07 41.82 55.34
CA LYS C 65 -3.70 41.61 53.94
C LYS C 65 -4.72 40.74 53.21
N ILE C 66 -5.17 39.68 53.88
CA ILE C 66 -6.10 38.72 53.28
C ILE C 66 -7.44 39.35 52.90
N ASN C 67 -8.05 40.04 53.86
CA ASN C 67 -9.36 40.65 53.67
C ASN C 67 -9.43 41.59 52.46
N GLU C 68 -8.47 42.50 52.37
CA GLU C 68 -8.45 43.52 51.33
C GLU C 68 -8.43 42.93 49.92
N GLY C 69 -7.55 41.95 49.71
CA GLY C 69 -7.43 41.32 48.41
C GLY C 69 -6.71 39.99 48.50
N LEU C 70 -7.18 39.01 47.73
CA LEU C 70 -6.56 37.70 47.71
C LEU C 70 -6.00 37.40 46.33
N ASP C 71 -6.69 37.87 45.30
CA ASP C 71 -6.31 37.63 43.91
C ASP C 71 -4.93 38.20 43.62
N SER C 72 -4.61 39.33 44.25
CA SER C 72 -3.34 40.00 44.05
C SER C 72 -2.17 39.17 44.57
N HIS C 73 -2.43 38.37 45.61
CA HIS C 73 -1.38 37.56 46.21
C HIS C 73 -1.13 36.28 45.40
N ILE C 74 -2.20 35.67 44.89
CA ILE C 74 -2.04 34.51 44.02
C ILE C 74 -1.39 34.97 42.71
N GLU C 75 -1.64 36.23 42.35
CA GLU C 75 -1.05 36.80 41.16
C GLU C 75 0.45 36.95 41.36
N ASP C 76 0.84 37.30 42.58
CA ASP C 76 2.25 37.46 42.90
C ASP C 76 2.95 36.12 42.88
N PHE C 77 2.35 35.12 43.54
CA PHE C 77 2.99 33.82 43.68
C PHE C 77 3.15 33.12 42.34
N ARG C 78 2.20 33.29 41.43
CA ARG C 78 2.31 32.68 40.11
C ARG C 78 3.48 33.28 39.33
N LYS C 79 3.72 34.58 39.50
CA LYS C 79 4.81 35.27 38.81
C LYS C 79 6.14 34.85 39.41
N VAL C 80 6.13 34.53 40.69
CA VAL C 80 7.33 34.01 41.36
C VAL C 80 7.63 32.61 40.83
N GLU C 82 6.83 31.36 37.90
CA GLU C 82 7.37 31.53 36.55
C GLU C 82 8.85 31.87 36.62
N LYS C 83 9.19 32.76 37.54
CA LYS C 83 10.57 33.18 37.75
C LYS C 83 11.43 32.01 38.22
N ASN C 84 10.88 31.21 39.14
CA ASN C 84 11.56 30.03 39.64
C ASN C 84 11.81 29.02 38.53
N PHE C 85 10.85 28.93 37.61
CA PHE C 85 10.97 28.03 36.47
C PHE C 85 12.09 28.49 35.54
N LEU C 86 12.20 29.80 35.35
CA LEU C 86 13.25 30.37 34.51
C LEU C 86 14.62 30.11 35.09
N SER C 87 14.71 30.16 36.42
CA SER C 87 15.98 29.91 37.11
C SER C 87 16.43 28.47 36.91
N ILE D 4 -5.33 -29.51 -22.77
CA ILE D 4 -5.48 -30.27 -21.53
C ILE D 4 -6.78 -29.88 -20.85
N SER D 5 -7.63 -30.87 -20.62
CA SER D 5 -8.98 -30.58 -20.12
C SER D 5 -9.36 -31.34 -18.87
N VAL D 6 -10.51 -30.95 -18.31
CA VAL D 6 -10.97 -31.43 -17.03
C VAL D 6 -12.00 -32.55 -17.21
N ASP D 7 -12.82 -32.45 -18.26
CA ASP D 7 -13.77 -33.51 -18.57
C ASP D 7 -13.14 -34.52 -19.52
N ALA D 8 -12.02 -34.13 -20.14
CA ALA D 8 -11.22 -35.07 -20.90
C ALA D 8 -10.72 -36.17 -19.97
N LEU D 9 -10.47 -35.79 -18.72
CA LEU D 9 -10.05 -36.73 -17.70
C LEU D 9 -11.24 -37.50 -17.17
N VAL D 10 -12.41 -36.86 -17.21
CA VAL D 10 -13.66 -37.52 -16.85
C VAL D 10 -13.93 -38.66 -17.83
N GLN D 11 -13.80 -38.37 -19.12
CA GLN D 11 -14.01 -39.36 -20.17
C GLN D 11 -12.94 -40.45 -20.11
N GLU D 12 -11.69 -40.04 -19.83
CA GLU D 12 -10.59 -40.99 -19.73
C GLU D 12 -10.84 -42.01 -18.64
N PHE D 13 -11.51 -41.57 -17.58
CA PHE D 13 -11.86 -42.43 -16.45
C PHE D 13 -12.78 -43.57 -16.89
N PHE D 14 -13.67 -43.27 -17.84
CA PHE D 14 -14.67 -44.23 -18.29
C PHE D 14 -14.18 -45.07 -19.47
N ALA D 15 -12.90 -44.98 -19.77
CA ALA D 15 -12.31 -45.83 -20.79
C ALA D 15 -12.22 -47.26 -20.29
N GLN D 16 -11.64 -47.43 -19.10
CA GLN D 16 -11.49 -48.73 -18.47
C GLN D 16 -12.82 -49.44 -18.27
N GLN D 17 -13.68 -48.84 -17.44
CA GLN D 17 -14.98 -49.42 -17.14
C GLN D 17 -16.10 -48.51 -17.60
N SER D 18 -16.88 -48.99 -18.56
CA SER D 18 -18.06 -48.26 -19.00
C SER D 18 -19.06 -48.12 -17.86
N LEU D 19 -19.57 -46.92 -17.64
CA LEU D 19 -20.74 -46.77 -16.78
C LEU D 19 -21.88 -47.38 -17.58
N LYS D 20 -22.39 -48.50 -17.09
CA LYS D 20 -23.04 -49.49 -17.95
C LYS D 20 -24.43 -49.20 -18.50
N ILE D 21 -25.16 -48.26 -17.89
CA ILE D 21 -26.55 -48.01 -18.32
C ILE D 21 -26.84 -46.52 -18.39
N LEU D 22 -25.81 -45.77 -18.75
CA LEU D 22 -25.95 -44.43 -19.25
C LEU D 22 -24.84 -44.30 -20.27
N PRO D 23 -25.08 -43.58 -21.35
CA PRO D 23 -23.97 -43.34 -22.27
C PRO D 23 -22.97 -42.36 -21.65
N GLN D 24 -21.69 -42.72 -21.65
CA GLN D 24 -20.65 -41.94 -20.99
C GLN D 24 -20.43 -40.59 -21.65
N ALA D 25 -20.39 -40.56 -22.98
CA ALA D 25 -20.12 -39.34 -23.72
C ALA D 25 -21.22 -38.27 -23.54
N PRO D 26 -22.51 -38.66 -23.65
CA PRO D 26 -23.54 -37.65 -23.38
C PRO D 26 -23.48 -37.12 -21.95
N PHE D 27 -23.14 -37.97 -21.00
CA PHE D 27 -23.00 -37.59 -19.61
C PHE D 27 -21.97 -36.48 -19.45
N GLY D 28 -20.82 -36.64 -20.10
CA GLY D 28 -19.73 -35.70 -19.99
C GLY D 28 -20.09 -34.29 -20.44
N ASP D 29 -20.78 -34.20 -21.57
CA ASP D 29 -21.26 -32.90 -22.01
C ASP D 29 -22.35 -32.43 -21.06
N ALA D 30 -23.17 -33.37 -20.60
CA ALA D 30 -24.25 -33.05 -19.67
C ALA D 30 -23.70 -32.40 -18.40
N VAL D 31 -22.63 -32.95 -17.83
CA VAL D 31 -22.08 -32.37 -16.61
C VAL D 31 -21.45 -31.02 -16.90
N ASN D 32 -20.87 -30.86 -18.09
CA ASN D 32 -20.27 -29.59 -18.46
C ASN D 32 -21.37 -28.59 -18.75
N GLN D 33 -22.43 -29.05 -19.39
CA GLN D 33 -23.63 -28.22 -19.59
C GLN D 33 -24.24 -27.92 -18.23
N PHE D 34 -24.34 -28.94 -17.38
CA PHE D 34 -24.91 -28.77 -16.05
C PHE D 34 -24.17 -27.75 -15.19
N VAL D 35 -22.85 -27.66 -15.37
CA VAL D 35 -22.05 -26.78 -14.55
C VAL D 35 -21.86 -25.41 -15.22
N SER D 36 -22.01 -25.35 -16.54
CA SER D 36 -21.84 -24.10 -17.26
C SER D 36 -23.18 -23.53 -17.75
N LYS D 37 -24.03 -24.39 -18.33
CA LYS D 37 -25.38 -23.99 -18.73
C LYS D 37 -26.28 -23.95 -17.49
N ASP D 38 -25.77 -24.52 -16.40
CA ASP D 38 -26.41 -24.50 -15.09
C ASP D 38 -27.91 -24.79 -15.04
N ASP D 39 -28.43 -25.59 -15.96
CA ASP D 39 -29.78 -26.10 -15.77
C ASP D 39 -29.69 -27.19 -14.73
N LYS D 40 -30.55 -27.13 -13.71
CA LYS D 40 -30.40 -28.00 -12.55
C LYS D 40 -31.01 -29.38 -12.72
N HIS D 41 -32.12 -29.47 -13.46
CA HIS D 41 -32.82 -30.74 -13.58
C HIS D 41 -32.25 -31.64 -14.68
N ALA D 42 -31.79 -31.01 -15.76
CA ALA D 42 -31.48 -31.67 -17.03
C ALA D 42 -30.74 -33.00 -16.92
N VAL D 43 -29.63 -33.02 -16.17
CA VAL D 43 -28.82 -34.23 -16.05
C VAL D 43 -29.63 -35.40 -15.48
N GLU D 44 -30.39 -35.12 -14.42
CA GLU D 44 -31.31 -36.10 -13.87
C GLU D 44 -32.40 -36.46 -14.87
N PHE D 46 -32.26 -36.11 -18.11
CA PHE D 46 -31.56 -36.86 -19.14
C PHE D 46 -31.52 -38.34 -18.79
N VAL D 47 -31.32 -38.62 -17.50
CA VAL D 47 -31.31 -39.99 -16.98
C VAL D 47 -32.73 -40.55 -16.88
N ASP D 49 -35.12 -39.82 -18.85
CA ASP D 49 -35.45 -40.17 -20.22
C ASP D 49 -34.68 -41.40 -20.68
N SER D 50 -33.49 -41.59 -20.12
CA SER D 50 -32.59 -42.66 -20.54
C SER D 50 -33.26 -44.03 -20.54
N LEU D 51 -34.22 -44.22 -19.62
CA LEU D 51 -35.04 -45.41 -19.62
C LEU D 51 -36.14 -45.30 -20.67
N ILE D 74 -29.08 -55.03 -22.72
CA ILE D 74 -29.14 -53.60 -22.43
C ILE D 74 -27.81 -52.92 -22.75
N GLU D 75 -26.75 -53.73 -22.82
CA GLU D 75 -25.45 -53.22 -23.25
C GLU D 75 -25.56 -52.64 -24.65
N ASP D 76 -26.32 -53.31 -25.51
CA ASP D 76 -26.55 -52.83 -26.86
C ASP D 76 -27.24 -51.47 -26.85
N PHE D 77 -28.28 -51.33 -26.03
CA PHE D 77 -29.03 -50.08 -25.96
C PHE D 77 -28.13 -48.93 -25.50
N ARG D 78 -27.23 -49.21 -24.56
CA ARG D 78 -26.29 -48.18 -24.12
C ARG D 78 -25.37 -47.78 -25.26
N LYS D 79 -24.94 -48.77 -26.05
CA LYS D 79 -24.11 -48.50 -27.22
C LYS D 79 -24.86 -47.61 -28.20
N VAL D 80 -26.15 -47.86 -28.35
CA VAL D 80 -27.00 -47.06 -29.23
C VAL D 80 -27.09 -45.63 -28.71
N GLU D 82 -24.85 -44.00 -27.15
CA GLU D 82 -23.61 -43.33 -27.50
C GLU D 82 -23.56 -42.93 -28.97
N LYS D 83 -23.99 -43.84 -29.84
CA LYS D 83 -23.99 -43.59 -31.28
C LYS D 83 -24.91 -42.45 -31.65
N ASN D 84 -26.10 -42.44 -31.07
CA ASN D 84 -27.07 -41.38 -31.33
C ASN D 84 -26.53 -40.01 -30.94
N PHE D 85 -25.79 -39.96 -29.84
CA PHE D 85 -25.21 -38.71 -29.37
C PHE D 85 -24.12 -38.21 -30.31
#